data_2X70
#
_entry.id   2X70
#
_cell.length_a   61.979
_cell.length_b   81.801
_cell.length_c   79.706
_cell.angle_alpha   90.00
_cell.angle_beta   90.77
_cell.angle_gamma   90.00
#
_symmetry.space_group_name_H-M   'P 1 21 1'
#
loop_
_entity.id
_entity.type
_entity.pdbx_description
1 polymer 'HLA CLASS I HISTOCOMPATIBILITY ANTIGEN, A-2.1'
2 polymer BETA-2-MICROGLOBULIN
3 polymer 'HLA-A2.1-RESTRICTED INFLUENZA A MATRIX EPITOPE'
4 non-polymer GLYCEROL
5 non-polymer '2-(N-MORPHOLINO)-ETHANESULFONIC ACID'
6 water water
#
loop_
_entity_poly.entity_id
_entity_poly.type
_entity_poly.pdbx_seq_one_letter_code
_entity_poly.pdbx_strand_id
1 'polypeptide(L)'
;GSHSMRYFFTSVSRPGRGEPRFIAVGYVDDTQFVRFDSDAASQRMEPRAPWIEQEGPEYWDGETRKVKAHSQTHRVDLGT
LRGYYNQSEAGSHTVQRMYGCDVGSDWRFLRGYHQYAYDGKDYIALKEDLRSWTAADMAAQTTKHKWEAAHVAEQLRAYL
EGTCVEWLRRYLENGKETLQRTDAPKTHMTHHAVSDHEATLRCWALSFYPAEITLTWQRDGEDQTQDTELVETRPAGDGT
FQKWAAVVVPSGQEQRYTCHVQHEGLPKPLTLRWE
;
A,D
2 'polypeptide(L)'
;MIQRTPKIQVYSRHPAENGKSNFLNCYVSGFHPSDIEVDLLKNGERIEKVEHSDLSFSKDWSFYLLYYTEFTPTEKDEYA
CRVNHVTLSQPKIVKWDRDM
;
B,E
3 'polypeptide(L)' KILG(PRV)VF(PRQ)V C,F
#
loop_
_chem_comp.id
_chem_comp.type
_chem_comp.name
_chem_comp.formula
GOL non-polymer GLYCEROL 'C3 H8 O3'
MES non-polymer '2-(N-MORPHOLINO)-ETHANESULFONIC ACID' 'C6 H13 N O4 S'
#
# COMPACT_ATOMS: atom_id res chain seq x y z
N GLY A 1 -25.09 1.68 -17.94
CA GLY A 1 -24.23 1.07 -18.94
C GLY A 1 -23.06 0.34 -18.29
N SER A 2 -22.07 -0.03 -19.09
CA SER A 2 -20.88 -0.66 -18.56
C SER A 2 -19.87 0.39 -18.05
N HIS A 3 -18.89 -0.07 -17.28
CA HIS A 3 -17.91 0.83 -16.68
C HIS A 3 -16.56 0.16 -16.63
N SER A 4 -15.51 0.95 -16.47
CA SER A 4 -14.15 0.44 -16.42
C SER A 4 -13.35 1.11 -15.29
N MET A 5 -12.37 0.38 -14.77
CA MET A 5 -11.38 0.99 -13.89
C MET A 5 -10.02 0.71 -14.49
N ARG A 6 -9.20 1.74 -14.64
CA ARG A 6 -7.89 1.60 -15.25
C ARG A 6 -6.83 2.33 -14.47
N TYR A 7 -5.70 1.67 -14.27
CA TYR A 7 -4.56 2.29 -13.63
C TYR A 7 -3.43 2.45 -14.63
N PHE A 8 -2.79 3.61 -14.60
CA PHE A 8 -1.72 3.92 -15.54
C PHE A 8 -0.43 4.20 -14.77
N PHE A 9 0.62 3.43 -15.03
CA PHE A 9 1.89 3.63 -14.37
C PHE A 9 2.95 3.99 -15.40
N THR A 10 3.68 5.07 -15.14
CA THR A 10 4.80 5.46 -15.99
C THR A 10 6.07 5.65 -15.18
N SER A 11 7.13 4.98 -15.61
CA SER A 11 8.41 5.09 -14.94
C SER A 11 9.49 5.49 -15.95
N VAL A 12 10.19 6.58 -15.65
CA VAL A 12 11.19 7.13 -16.54
C VAL A 12 12.55 7.26 -15.85
N SER A 13 13.56 6.54 -16.35
CA SER A 13 14.88 6.57 -15.74
C SER A 13 15.56 7.92 -15.94
N ARG A 14 16.42 8.28 -15.00
CA ARG A 14 17.13 9.56 -15.04
C ARG A 14 18.59 9.38 -14.63
N PRO A 15 19.40 8.87 -15.57
CA PRO A 15 20.81 8.55 -15.32
C PRO A 15 21.55 9.66 -14.60
N GLY A 16 22.21 9.33 -13.50
CA GLY A 16 23.00 10.28 -12.75
C GLY A 16 22.17 11.18 -11.87
N ARG A 17 20.91 11.38 -12.24
CA ARG A 17 20.02 12.26 -11.51
C ARG A 17 19.12 11.48 -10.56
N GLY A 18 19.71 10.52 -9.86
CA GLY A 18 18.98 9.73 -8.88
C GLY A 18 18.03 8.73 -9.48
N GLU A 19 17.09 8.26 -8.66
CA GLU A 19 16.13 7.22 -9.06
C GLU A 19 15.15 7.70 -10.12
N PRO A 20 14.50 6.76 -10.81
CA PRO A 20 13.56 7.10 -11.88
C PRO A 20 12.34 7.88 -11.38
N ARG A 21 11.75 8.67 -12.27
CA ARG A 21 10.47 9.30 -12.00
C ARG A 21 9.39 8.23 -12.10
N PHE A 22 8.52 8.17 -11.12
CA PHE A 22 7.42 7.23 -11.13
C PHE A 22 6.10 7.97 -10.93
N ILE A 23 5.18 7.81 -11.88
CA ILE A 23 3.88 8.45 -11.77
C ILE A 23 2.77 7.44 -11.94
N ALA A 24 1.77 7.49 -11.06
CA ALA A 24 0.62 6.61 -11.15
C ALA A 24 -0.67 7.41 -11.13
N VAL A 25 -1.61 7.03 -12.00
CA VAL A 25 -2.96 7.59 -11.99
C VAL A 25 -4.00 6.48 -12.12
N GLY A 26 -5.15 6.68 -11.48
CA GLY A 26 -6.26 5.76 -11.59
C GLY A 26 -7.49 6.47 -12.11
N TYR A 27 -8.27 5.77 -12.93
CA TYR A 27 -9.50 6.31 -13.51
C TYR A 27 -10.65 5.32 -13.33
N VAL A 28 -11.85 5.86 -13.08
CA VAL A 28 -13.07 5.08 -13.25
C VAL A 28 -13.77 5.71 -14.45
N ASP A 29 -13.90 4.95 -15.52
CA ASP A 29 -14.40 5.50 -16.77
C ASP A 29 -13.50 6.65 -17.19
N ASP A 30 -14.08 7.84 -17.38
CA ASP A 30 -13.30 9.01 -17.80
C ASP A 30 -12.94 9.96 -16.65
N THR A 31 -13.09 9.49 -15.42
CA THR A 31 -12.85 10.32 -14.26
C THR A 31 -11.65 9.85 -13.45
N GLN A 32 -10.62 10.69 -13.35
CA GLN A 32 -9.47 10.39 -12.51
C GLN A 32 -9.87 10.46 -11.04
N PHE A 33 -9.33 9.54 -10.24
CA PHE A 33 -9.63 9.50 -8.81
C PHE A 33 -8.36 9.28 -7.98
N VAL A 34 -7.34 8.72 -8.62
CA VAL A 34 -6.08 8.46 -7.95
C VAL A 34 -4.91 9.07 -8.70
N ARG A 35 -3.75 9.17 -8.04
CA ARG A 35 -2.56 9.73 -8.65
C ARG A 35 -1.39 9.74 -7.67
N PHE A 36 -0.21 9.40 -8.17
CA PHE A 36 0.99 9.35 -7.34
C PHE A 36 2.19 9.91 -8.08
N ASP A 37 2.93 10.81 -7.43
CA ASP A 37 4.11 11.42 -8.04
C ASP A 37 5.34 11.23 -7.14
N SER A 38 6.26 10.39 -7.60
CA SER A 38 7.48 10.12 -6.85
C SER A 38 8.24 11.40 -6.54
N ASP A 39 7.92 12.46 -7.28
CA ASP A 39 8.57 13.75 -7.08
C ASP A 39 7.77 14.64 -6.13
N ALA A 40 6.55 14.21 -5.82
CA ALA A 40 5.69 14.94 -4.90
C ALA A 40 6.23 14.87 -3.49
N ALA A 41 5.73 15.74 -2.63
CA ALA A 41 6.21 15.81 -1.25
C ALA A 41 5.64 14.68 -0.39
N SER A 42 4.34 14.43 -0.55
CA SER A 42 3.64 13.51 0.34
C SER A 42 4.25 12.11 0.40
N GLN A 43 4.66 11.59 -0.75
CA GLN A 43 5.08 10.20 -0.86
C GLN A 43 3.90 9.25 -0.58
N ARG A 44 2.70 9.75 -0.88
N ARG A 44 2.70 9.73 -0.87
CA ARG A 44 1.48 9.00 -0.66
CA ARG A 44 1.50 8.94 -0.65
C ARG A 44 0.65 8.97 -1.92
C ARG A 44 0.57 9.02 -1.83
N MET A 45 -0.22 7.96 -2.03
CA MET A 45 -1.26 7.99 -3.03
C MET A 45 -2.19 9.10 -2.58
N GLU A 46 -2.75 9.86 -3.51
CA GLU A 46 -3.56 11.02 -3.17
C GLU A 46 -4.87 11.05 -3.94
N PRO A 47 -5.93 11.55 -3.30
CA PRO A 47 -7.26 11.66 -3.93
C PRO A 47 -7.27 12.68 -5.06
N ARG A 48 -8.02 12.40 -6.11
CA ARG A 48 -8.16 13.34 -7.23
C ARG A 48 -9.62 13.42 -7.67
N ALA A 49 -10.51 12.93 -6.81
CA ALA A 49 -11.95 13.04 -7.00
C ALA A 49 -12.58 13.29 -5.64
N PRO A 50 -13.67 14.07 -5.61
CA PRO A 50 -14.35 14.38 -4.33
C PRO A 50 -14.88 13.12 -3.63
N TRP A 51 -15.38 12.17 -4.40
CA TRP A 51 -16.04 11.00 -3.83
C TRP A 51 -15.07 9.95 -3.28
N ILE A 52 -13.78 10.19 -3.41
CA ILE A 52 -12.77 9.26 -2.91
C ILE A 52 -12.02 9.85 -1.71
N GLU A 53 -12.19 11.16 -1.51
CA GLU A 53 -11.44 11.88 -0.48
C GLU A 53 -11.65 11.37 0.94
N GLN A 54 -12.86 10.87 1.23
CA GLN A 54 -13.16 10.43 2.59
CA GLN A 54 -13.22 10.43 2.57
C GLN A 54 -13.19 8.91 2.70
N GLU A 55 -12.34 8.25 1.92
CA GLU A 55 -12.29 6.79 1.93
C GLU A 55 -11.76 6.21 3.26
N GLY A 56 -10.85 6.94 3.92
CA GLY A 56 -10.37 6.53 5.23
C GLY A 56 -8.88 6.20 5.24
N PRO A 57 -8.28 6.18 6.45
CA PRO A 57 -6.82 6.02 6.59
C PRO A 57 -6.33 4.67 6.10
N GLU A 58 -7.09 3.61 6.32
CA GLU A 58 -6.66 2.29 5.87
C GLU A 58 -6.47 2.26 4.36
N TYR A 59 -7.44 2.79 3.63
CA TYR A 59 -7.39 2.86 2.18
C TYR A 59 -6.13 3.57 1.68
N TRP A 60 -5.87 4.76 2.21
CA TRP A 60 -4.74 5.56 1.75
C TRP A 60 -3.38 4.96 2.14
N ASP A 61 -3.29 4.43 3.35
CA ASP A 61 -2.10 3.72 3.78
C ASP A 61 -1.84 2.51 2.90
N GLY A 62 -2.91 1.79 2.57
CA GLY A 62 -2.83 0.59 1.74
C GLY A 62 -2.42 0.83 0.29
N GLU A 63 -3.07 1.81 -0.35
CA GLU A 63 -2.72 2.17 -1.73
C GLU A 63 -1.31 2.74 -1.79
N THR A 64 -0.92 3.46 -0.73
CA THR A 64 0.42 4.03 -0.63
C THR A 64 1.48 2.94 -0.59
N ARG A 65 1.27 1.95 0.28
CA ARG A 65 2.19 0.83 0.40
C ARG A 65 2.35 0.11 -0.94
N LYS A 66 1.22 -0.29 -1.53
CA LYS A 66 1.24 -1.02 -2.80
C LYS A 66 1.85 -0.19 -3.92
N VAL A 67 1.51 1.09 -3.99
CA VAL A 67 2.01 1.92 -5.08
C VAL A 67 3.53 2.11 -4.98
N LYS A 68 4.05 2.15 -3.76
CA LYS A 68 5.49 2.19 -3.53
C LYS A 68 6.17 0.93 -4.04
N ALA A 69 5.51 -0.21 -3.85
CA ALA A 69 6.03 -1.49 -4.36
C ALA A 69 6.03 -1.52 -5.88
N HIS A 70 5.03 -0.89 -6.50
CA HIS A 70 5.01 -0.72 -7.96
C HIS A 70 6.22 0.10 -8.40
N SER A 71 6.56 1.11 -7.61
CA SER A 71 7.66 2.01 -7.92
C SER A 71 9.00 1.26 -7.91
N GLN A 72 9.17 0.37 -6.93
CA GLN A 72 10.40 -0.40 -6.83
C GLN A 72 10.51 -1.48 -7.90
N THR A 73 9.38 -2.13 -8.20
CA THR A 73 9.35 -3.12 -9.26
C THR A 73 9.73 -2.50 -10.59
N HIS A 74 9.16 -1.34 -10.90
CA HIS A 74 9.46 -0.66 -12.16
C HIS A 74 10.89 -0.17 -12.22
N ARG A 75 11.41 0.28 -11.09
CA ARG A 75 12.81 0.70 -11.03
C ARG A 75 13.75 -0.44 -11.41
N VAL A 76 13.45 -1.65 -10.94
CA VAL A 76 14.26 -2.81 -11.25
C VAL A 76 14.06 -3.24 -12.71
N ASP A 77 12.83 -3.07 -13.21
CA ASP A 77 12.51 -3.44 -14.58
C ASP A 77 13.30 -2.58 -15.53
N LEU A 78 13.49 -1.32 -15.18
CA LEU A 78 14.24 -0.40 -16.02
C LEU A 78 15.64 -0.93 -16.25
N GLY A 79 16.26 -1.43 -15.18
CA GLY A 79 17.58 -2.01 -15.26
C GLY A 79 17.59 -3.33 -16.00
N THR A 80 16.62 -4.18 -15.69
CA THR A 80 16.50 -5.49 -16.32
C THR A 80 16.36 -5.34 -17.83
N LEU A 81 15.44 -4.46 -18.25
CA LEU A 81 15.18 -4.24 -19.66
C LEU A 81 16.39 -3.64 -20.37
N ARG A 82 17.05 -2.70 -19.70
CA ARG A 82 18.28 -2.12 -20.21
C ARG A 82 19.25 -3.25 -20.56
N GLY A 83 19.36 -4.21 -19.65
CA GLY A 83 20.20 -5.38 -19.85
C GLY A 83 19.72 -6.26 -20.98
N TYR A 84 18.40 -6.36 -21.13
CA TYR A 84 17.81 -7.16 -22.21
C TYR A 84 18.20 -6.62 -23.58
N TYR A 85 18.29 -5.29 -23.68
CA TYR A 85 18.51 -4.66 -24.97
C TYR A 85 19.92 -4.11 -25.12
N ASN A 86 20.76 -4.37 -24.14
CA ASN A 86 22.14 -3.88 -24.16
C ASN A 86 22.20 -2.42 -24.59
N GLN A 87 21.57 -1.56 -23.79
CA GLN A 87 21.50 -0.13 -24.10
C GLN A 87 22.46 0.65 -23.21
N SER A 88 22.87 1.82 -23.67
CA SER A 88 23.81 2.63 -22.89
C SER A 88 23.24 2.94 -21.52
N GLU A 89 24.12 3.27 -20.58
CA GLU A 89 23.68 3.57 -19.23
C GLU A 89 23.35 5.05 -19.06
N ALA A 90 23.63 5.83 -20.09
CA ALA A 90 23.48 7.28 -20.04
C ALA A 90 22.14 7.79 -20.56
N GLY A 91 21.41 6.93 -21.27
CA GLY A 91 20.17 7.32 -21.90
C GLY A 91 18.95 7.11 -21.02
N SER A 92 17.98 8.01 -21.14
CA SER A 92 16.72 7.90 -20.41
C SER A 92 15.77 6.90 -21.10
N HIS A 93 15.12 6.04 -20.32
CA HIS A 93 14.17 5.08 -20.88
C HIS A 93 12.82 5.09 -20.16
N THR A 94 11.79 4.57 -20.82
CA THR A 94 10.42 4.64 -20.30
C THR A 94 9.77 3.28 -20.19
N VAL A 95 9.25 2.96 -19.02
CA VAL A 95 8.37 1.80 -18.86
C VAL A 95 6.95 2.28 -18.59
N GLN A 96 6.00 1.70 -19.31
CA GLN A 96 4.60 2.04 -19.11
C GLN A 96 3.81 0.77 -18.80
N ARG A 97 2.84 0.90 -17.91
CA ARG A 97 2.03 -0.24 -17.50
CA ARG A 97 2.04 -0.23 -17.45
C ARG A 97 0.59 0.19 -17.30
N MET A 98 -0.33 -0.55 -17.91
CA MET A 98 -1.74 -0.28 -17.77
CA MET A 98 -1.74 -0.28 -17.77
C MET A 98 -2.51 -1.55 -17.44
N TYR A 99 -3.33 -1.50 -16.40
CA TYR A 99 -4.21 -2.62 -16.12
C TYR A 99 -5.55 -2.11 -15.55
N GLY A 100 -6.58 -2.95 -15.62
CA GLY A 100 -7.89 -2.59 -15.15
C GLY A 100 -8.92 -3.63 -15.50
N CYS A 101 -10.19 -3.32 -15.23
CA CYS A 101 -11.27 -4.27 -15.46
C CYS A 101 -12.55 -3.55 -15.84
N ASP A 102 -13.42 -4.23 -16.57
CA ASP A 102 -14.73 -3.69 -16.92
C ASP A 102 -15.83 -4.54 -16.30
N VAL A 103 -16.97 -3.90 -16.05
CA VAL A 103 -18.16 -4.59 -15.61
C VAL A 103 -19.28 -4.25 -16.59
N GLY A 104 -20.23 -5.15 -16.79
CA GLY A 104 -21.33 -4.90 -17.70
C GLY A 104 -22.34 -3.97 -17.07
N SER A 105 -23.44 -3.73 -17.78
CA SER A 105 -24.54 -2.93 -17.24
C SER A 105 -25.01 -3.45 -15.87
N ASP A 106 -24.88 -4.76 -15.66
CA ASP A 106 -25.32 -5.38 -14.41
C ASP A 106 -24.22 -5.36 -13.36
N TRP A 107 -23.08 -4.77 -13.72
CA TRP A 107 -21.94 -4.66 -12.81
C TRP A 107 -21.23 -5.98 -12.55
N ARG A 108 -21.47 -6.97 -13.41
CA ARG A 108 -20.73 -8.23 -13.31
C ARG A 108 -19.49 -8.18 -14.17
N PHE A 109 -18.45 -8.89 -13.77
CA PHE A 109 -17.18 -8.88 -14.50
C PHE A 109 -17.40 -9.00 -16.00
N LEU A 110 -16.69 -8.17 -16.76
CA LEU A 110 -16.81 -8.18 -18.20
C LEU A 110 -15.49 -8.58 -18.84
N ARG A 111 -14.42 -7.89 -18.48
CA ARG A 111 -13.09 -8.24 -18.98
C ARG A 111 -11.99 -7.64 -18.11
N GLY A 112 -10.81 -8.24 -18.17
CA GLY A 112 -9.64 -7.71 -17.49
C GLY A 112 -8.51 -7.54 -18.48
N TYR A 113 -7.52 -6.74 -18.13
CA TYR A 113 -6.39 -6.51 -19.02
C TYR A 113 -5.15 -6.04 -18.27
N HIS A 114 -3.99 -6.31 -18.86
CA HIS A 114 -2.72 -5.93 -18.26
C HIS A 114 -1.67 -5.78 -19.35
N GLN A 115 -1.39 -4.54 -19.73
CA GLN A 115 -0.47 -4.24 -20.81
C GLN A 115 0.82 -3.57 -20.32
N TYR A 116 1.93 -3.90 -20.97
N TYR A 116 1.93 -3.93 -20.97
CA TYR A 116 3.23 -3.41 -20.57
CA TYR A 116 3.23 -3.43 -20.61
C TYR A 116 3.99 -2.93 -21.80
C TYR A 116 3.88 -2.85 -21.86
N ALA A 117 4.64 -1.77 -21.70
CA ALA A 117 5.37 -1.19 -22.82
C ALA A 117 6.75 -0.70 -22.42
N TYR A 118 7.71 -0.81 -23.33
CA TYR A 118 9.04 -0.27 -23.11
C TYR A 118 9.38 0.71 -24.23
N ASP A 119 9.77 1.92 -23.85
CA ASP A 119 10.09 2.96 -24.81
C ASP A 119 9.01 3.17 -25.87
N GLY A 120 7.76 3.23 -25.42
CA GLY A 120 6.65 3.65 -26.25
C GLY A 120 6.08 2.58 -27.16
N LYS A 121 6.42 1.33 -27.05
CA LYS A 121 5.83 0.25 -27.83
C LYS A 121 5.56 -1.01 -27.01
N ASP A 122 4.72 -1.81 -27.47
CA ASP A 122 4.29 -3.02 -26.79
C ASP A 122 5.49 -3.87 -26.39
N TYR A 123 5.45 -4.40 -25.17
CA TYR A 123 6.46 -5.34 -24.71
C TYR A 123 5.81 -6.69 -24.41
N ILE A 124 4.91 -6.73 -23.44
CA ILE A 124 4.17 -7.95 -23.15
C ILE A 124 2.76 -7.61 -22.68
N ALA A 125 1.80 -8.46 -23.04
CA ALA A 125 0.41 -8.22 -22.68
C ALA A 125 -0.27 -9.51 -22.22
N LEU A 126 -1.18 -9.36 -21.26
CA LEU A 126 -2.01 -10.47 -20.83
C LEU A 126 -3.14 -10.64 -21.83
N LYS A 127 -3.31 -11.87 -22.34
CA LYS A 127 -4.35 -12.14 -23.33
C LYS A 127 -5.74 -12.14 -22.68
N GLU A 128 -6.77 -11.97 -23.49
CA GLU A 128 -8.13 -11.84 -22.99
C GLU A 128 -8.53 -12.98 -22.05
N ASP A 129 -8.04 -14.18 -22.33
CA ASP A 129 -8.37 -15.35 -21.51
C ASP A 129 -7.76 -15.30 -20.11
N LEU A 130 -6.93 -14.28 -19.88
CA LEU A 130 -6.28 -14.06 -18.57
C LEU A 130 -5.36 -15.20 -18.12
N ARG A 131 -5.02 -16.07 -19.07
CA ARG A 131 -4.22 -17.25 -18.73
C ARG A 131 -2.90 -17.29 -19.49
N SER A 132 -2.82 -16.54 -20.58
CA SER A 132 -1.66 -16.58 -21.46
C SER A 132 -1.13 -15.19 -21.78
N TRP A 133 0.04 -15.15 -22.42
CA TRP A 133 0.74 -13.89 -22.69
C TRP A 133 1.04 -13.71 -24.17
N THR A 134 1.02 -12.46 -24.61
CA THR A 134 1.51 -12.12 -25.94
C THR A 134 2.81 -11.34 -25.80
N ALA A 135 3.89 -11.89 -26.32
CA ALA A 135 5.20 -11.24 -26.24
C ALA A 135 5.56 -10.56 -27.55
N ALA A 136 5.90 -9.28 -27.48
CA ALA A 136 6.17 -8.49 -28.67
C ALA A 136 7.45 -8.90 -29.39
N ASP A 137 8.50 -9.20 -28.64
CA ASP A 137 9.80 -9.48 -29.24
C ASP A 137 10.61 -10.56 -28.53
N MET A 138 11.90 -10.61 -28.87
CA MET A 138 12.82 -11.60 -28.34
C MET A 138 12.94 -11.46 -26.83
N ALA A 139 13.18 -10.23 -26.38
CA ALA A 139 13.35 -9.95 -24.96
C ALA A 139 12.08 -10.27 -24.18
N ALA A 140 10.92 -9.98 -24.79
CA ALA A 140 9.64 -10.25 -24.16
C ALA A 140 9.49 -11.74 -23.85
N GLN A 141 10.08 -12.58 -24.70
CA GLN A 141 10.03 -14.02 -24.52
C GLN A 141 10.56 -14.41 -23.15
N THR A 142 11.72 -13.88 -22.80
CA THR A 142 12.34 -14.17 -21.51
C THR A 142 11.38 -13.83 -20.37
N THR A 143 10.70 -12.70 -20.50
CA THR A 143 9.74 -12.27 -19.50
C THR A 143 8.46 -13.10 -19.56
N LYS A 144 8.07 -13.45 -20.77
CA LYS A 144 6.88 -14.27 -20.98
C LYS A 144 7.02 -15.63 -20.30
N HIS A 145 8.15 -16.29 -20.53
CA HIS A 145 8.42 -17.58 -19.92
C HIS A 145 8.61 -17.46 -18.41
N LYS A 146 9.22 -16.37 -17.97
CA LYS A 146 9.44 -16.14 -16.55
C LYS A 146 8.11 -16.01 -15.80
N TRP A 147 7.18 -15.30 -16.41
CA TRP A 147 5.86 -15.08 -15.82
C TRP A 147 5.01 -16.35 -15.88
N GLU A 148 5.28 -17.19 -16.87
CA GLU A 148 4.58 -18.47 -16.98
C GLU A 148 4.93 -19.37 -15.82
N ALA A 149 6.23 -19.51 -15.54
CA ALA A 149 6.69 -20.37 -14.45
C ALA A 149 6.41 -19.74 -13.09
N ALA A 150 6.24 -18.42 -13.08
CA ALA A 150 5.94 -17.70 -11.85
C ALA A 150 4.43 -17.57 -11.64
N HIS A 151 3.66 -18.18 -12.54
CA HIS A 151 2.20 -18.14 -12.49
C HIS A 151 1.67 -16.74 -12.23
N VAL A 152 2.25 -15.76 -12.92
CA VAL A 152 1.85 -14.36 -12.78
C VAL A 152 0.43 -14.13 -13.30
N ALA A 153 0.07 -14.82 -14.38
CA ALA A 153 -1.25 -14.71 -14.96
C ALA A 153 -2.30 -15.03 -13.90
N GLU A 154 -2.09 -16.11 -13.16
CA GLU A 154 -3.01 -16.52 -12.10
C GLU A 154 -3.19 -15.43 -11.06
N GLN A 155 -2.09 -14.81 -10.65
CA GLN A 155 -2.14 -13.71 -9.69
C GLN A 155 -3.01 -12.58 -10.23
N LEU A 156 -2.75 -12.19 -11.48
CA LEU A 156 -3.48 -11.09 -12.10
C LEU A 156 -4.95 -11.42 -12.27
N ARG A 157 -5.24 -12.63 -12.72
CA ARG A 157 -6.62 -13.06 -12.91
C ARG A 157 -7.41 -12.96 -11.61
N ALA A 158 -6.78 -13.36 -10.50
CA ALA A 158 -7.44 -13.30 -9.21
C ALA A 158 -7.74 -11.87 -8.81
N TYR A 159 -6.82 -10.96 -9.15
CA TYR A 159 -7.02 -9.53 -8.89
C TYR A 159 -8.09 -8.95 -9.79
N LEU A 160 -8.02 -9.26 -11.07
CA LEU A 160 -8.90 -8.63 -12.05
C LEU A 160 -10.36 -9.03 -11.84
N GLU A 161 -10.57 -10.29 -11.46
CA GLU A 161 -11.92 -10.80 -11.26
C GLU A 161 -12.41 -10.60 -9.83
N GLY A 162 -11.49 -10.24 -8.93
CA GLY A 162 -11.82 -10.03 -7.54
C GLY A 162 -11.74 -8.58 -7.12
N THR A 163 -10.63 -8.22 -6.49
CA THR A 163 -10.42 -6.85 -6.00
C THR A 163 -10.76 -5.77 -7.02
N CYS A 164 -10.35 -5.98 -8.26
CA CYS A 164 -10.53 -4.94 -9.28
C CYS A 164 -12.01 -4.60 -9.43
N VAL A 165 -12.82 -5.59 -9.76
CA VAL A 165 -14.25 -5.36 -9.97
C VAL A 165 -14.98 -5.02 -8.68
N GLU A 166 -14.56 -5.63 -7.57
CA GLU A 166 -15.17 -5.35 -6.27
C GLU A 166 -15.09 -3.87 -5.93
N TRP A 167 -13.92 -3.28 -6.08
CA TRP A 167 -13.71 -1.88 -5.74
C TRP A 167 -14.20 -0.91 -6.82
N LEU A 168 -14.11 -1.31 -8.08
CA LEU A 168 -14.75 -0.54 -9.13
C LEU A 168 -16.22 -0.32 -8.74
N ARG A 169 -16.90 -1.42 -8.39
CA ARG A 169 -18.30 -1.35 -7.95
C ARG A 169 -18.48 -0.44 -6.74
N ARG A 170 -17.58 -0.55 -5.76
CA ARG A 170 -17.65 0.31 -4.59
CA ARG A 170 -17.62 0.32 -4.58
C ARG A 170 -17.50 1.78 -4.96
N TYR A 171 -16.59 2.08 -5.88
CA TYR A 171 -16.39 3.46 -6.33
C TYR A 171 -17.62 3.99 -7.07
N LEU A 172 -18.22 3.16 -7.90
CA LEU A 172 -19.43 3.55 -8.63
C LEU A 172 -20.56 3.88 -7.67
N GLU A 173 -20.60 3.17 -6.54
CA GLU A 173 -21.58 3.45 -5.49
C GLU A 173 -21.25 4.75 -4.76
N ASN A 174 -20.00 4.88 -4.32
CA ASN A 174 -19.56 6.06 -3.57
C ASN A 174 -19.63 7.36 -4.38
N GLY A 175 -19.19 7.30 -5.63
CA GLY A 175 -19.22 8.48 -6.48
C GLY A 175 -20.35 8.49 -7.48
N LYS A 176 -21.48 7.89 -7.10
CA LYS A 176 -22.61 7.71 -8.02
C LYS A 176 -23.16 9.01 -8.61
N GLU A 177 -22.97 10.12 -7.90
CA GLU A 177 -23.42 11.42 -8.40
C GLU A 177 -22.55 11.86 -9.56
N THR A 178 -21.28 11.49 -9.50
CA THR A 178 -20.31 11.84 -10.52
C THR A 178 -20.26 10.76 -11.60
N LEU A 179 -19.94 9.54 -11.19
CA LEU A 179 -19.64 8.46 -12.12
C LEU A 179 -20.86 7.92 -12.89
N GLN A 180 -22.02 7.88 -12.24
CA GLN A 180 -23.21 7.35 -12.90
C GLN A 180 -24.07 8.46 -13.48
N ARG A 181 -23.42 9.46 -14.08
CA ARG A 181 -24.11 10.59 -14.68
C ARG A 181 -23.76 10.69 -16.15
N THR A 182 -24.67 11.22 -16.95
CA THR A 182 -24.33 11.64 -18.31
C THR A 182 -24.61 13.13 -18.45
N ASP A 183 -23.63 13.85 -18.98
CA ASP A 183 -23.80 15.28 -19.26
C ASP A 183 -23.85 15.49 -20.76
N ALA A 184 -25.04 15.70 -21.30
CA ALA A 184 -25.23 15.92 -22.73
C ALA A 184 -24.43 17.13 -23.16
N PRO A 185 -23.94 17.12 -24.41
CA PRO A 185 -23.17 18.26 -24.92
C PRO A 185 -24.06 19.48 -25.08
N LYS A 186 -23.55 20.64 -24.68
CA LYS A 186 -24.16 21.90 -25.07
C LYS A 186 -23.47 22.33 -26.35
N THR A 187 -24.26 22.47 -27.41
CA THR A 187 -23.71 22.64 -28.75
C THR A 187 -24.01 24.01 -29.34
N HIS A 188 -23.18 24.42 -30.30
CA HIS A 188 -23.46 25.63 -31.07
C HIS A 188 -22.52 25.74 -32.26
N MET A 189 -22.91 26.54 -33.24
CA MET A 189 -22.09 26.77 -34.42
C MET A 189 -21.62 28.22 -34.48
N THR A 190 -20.41 28.42 -35.01
CA THR A 190 -19.90 29.77 -35.25
C THR A 190 -19.56 29.94 -36.73
N HIS A 191 -19.60 31.18 -37.18
CA HIS A 191 -19.35 31.52 -38.58
C HIS A 191 -18.26 32.58 -38.66
N HIS A 192 -17.18 32.27 -39.38
CA HIS A 192 -16.09 33.22 -39.59
C HIS A 192 -15.75 33.29 -41.06
N ALA A 193 -15.59 34.48 -41.60
CA ALA A 193 -15.21 34.65 -43.00
C ALA A 193 -13.71 34.51 -43.15
N VAL A 194 -13.29 33.57 -44.01
CA VAL A 194 -11.88 33.36 -44.30
C VAL A 194 -11.40 34.38 -45.32
N SER A 195 -12.15 34.48 -46.42
CA SER A 195 -11.88 35.47 -47.45
C SER A 195 -13.19 36.19 -47.79
N ASP A 196 -13.32 36.66 -49.03
CA ASP A 196 -14.57 37.26 -49.47
C ASP A 196 -15.46 36.22 -50.16
N HIS A 197 -14.93 35.01 -50.31
CA HIS A 197 -15.66 33.94 -50.98
C HIS A 197 -15.62 32.63 -50.19
N GLU A 198 -15.01 32.66 -49.01
CA GLU A 198 -14.94 31.48 -48.14
C GLU A 198 -15.30 31.81 -46.69
N ALA A 199 -15.78 30.80 -45.97
CA ALA A 199 -16.13 30.95 -44.55
C ALA A 199 -15.81 29.69 -43.76
N THR A 200 -15.38 29.87 -42.51
CA THR A 200 -15.21 28.74 -41.60
C THR A 200 -16.49 28.51 -40.80
N LEU A 201 -17.01 27.30 -40.88
CA LEU A 201 -18.12 26.88 -40.03
C LEU A 201 -17.56 25.93 -38.96
N ARG A 202 -17.71 26.29 -37.69
CA ARG A 202 -17.22 25.43 -36.61
C ARG A 202 -18.35 24.92 -35.72
N CYS A 203 -18.38 23.60 -35.51
CA CYS A 203 -19.40 22.97 -34.69
C CYS A 203 -18.85 22.56 -33.33
N TRP A 204 -19.44 23.13 -32.27
CA TRP A 204 -18.96 22.96 -30.90
C TRP A 204 -19.81 22.00 -30.06
N ALA A 205 -19.14 21.19 -29.25
CA ALA A 205 -19.79 20.42 -28.19
C ALA A 205 -19.06 20.73 -26.90
N LEU A 206 -19.77 21.22 -25.90
CA LEU A 206 -19.14 21.64 -24.67
C LEU A 206 -19.73 20.98 -23.44
N SER A 207 -18.92 20.85 -22.39
CA SER A 207 -19.41 20.44 -21.08
C SER A 207 -20.11 19.07 -21.08
N PHE A 208 -19.55 18.12 -21.81
CA PHE A 208 -20.17 16.80 -21.88
C PHE A 208 -19.39 15.72 -21.11
N TYR A 209 -20.10 14.65 -20.76
CA TYR A 209 -19.52 13.50 -20.07
C TYR A 209 -20.42 12.29 -20.30
N PRO A 210 -19.82 11.13 -20.66
CA PRO A 210 -18.40 10.84 -20.79
C PRO A 210 -17.77 11.46 -22.04
N ALA A 211 -16.48 11.18 -22.25
CA ALA A 211 -15.72 11.75 -23.36
C ALA A 211 -16.22 11.33 -24.74
N GLU A 212 -16.71 10.10 -24.86
CA GLU A 212 -17.16 9.58 -26.15
C GLU A 212 -18.17 10.50 -26.83
N ILE A 213 -17.91 10.87 -28.07
CA ILE A 213 -18.81 11.73 -28.83
C ILE A 213 -18.51 11.62 -30.33
N THR A 214 -19.51 11.89 -31.16
CA THR A 214 -19.29 11.95 -32.60
C THR A 214 -19.72 13.30 -33.15
N LEU A 215 -18.77 14.02 -33.74
CA LEU A 215 -19.05 15.26 -34.43
C LEU A 215 -18.75 15.08 -35.92
N THR A 216 -19.76 15.27 -36.76
CA THR A 216 -19.58 15.15 -38.20
C THR A 216 -20.29 16.26 -38.96
N TRP A 217 -19.74 16.61 -40.12
CA TRP A 217 -20.37 17.56 -41.01
C TRP A 217 -20.90 16.84 -42.24
N GLN A 218 -21.98 17.36 -42.81
CA GLN A 218 -22.44 16.87 -44.10
C GLN A 218 -22.76 18.04 -45.02
N ARG A 219 -22.60 17.81 -46.32
CA ARG A 219 -23.08 18.73 -47.32
C ARG A 219 -24.10 17.99 -48.17
N ASP A 220 -25.37 18.39 -48.06
CA ASP A 220 -26.45 17.75 -48.80
C ASP A 220 -26.50 16.24 -48.50
N GLY A 221 -26.01 15.86 -47.32
CA GLY A 221 -26.00 14.47 -46.92
C GLY A 221 -24.63 13.83 -46.97
N GLU A 222 -23.84 14.19 -47.98
CA GLU A 222 -22.51 13.63 -48.17
C GLU A 222 -21.59 13.98 -47.01
N ASP A 223 -21.05 12.95 -46.35
CA ASP A 223 -20.15 13.18 -45.23
C ASP A 223 -18.88 13.86 -45.71
N GLN A 224 -18.44 14.89 -44.99
CA GLN A 224 -17.29 15.68 -45.38
C GLN A 224 -16.08 15.37 -44.52
N THR A 225 -15.99 14.12 -44.05
CA THR A 225 -14.92 13.73 -43.16
C THR A 225 -13.54 14.16 -43.67
N GLN A 226 -13.31 13.98 -44.96
CA GLN A 226 -12.01 14.30 -45.55
C GLN A 226 -11.75 15.81 -45.63
N ASP A 227 -12.79 16.60 -45.50
CA ASP A 227 -12.64 18.06 -45.52
C ASP A 227 -12.94 18.69 -44.17
N THR A 228 -13.09 17.85 -43.16
CA THR A 228 -13.37 18.33 -41.82
C THR A 228 -12.12 18.34 -40.94
N GLU A 229 -11.86 19.47 -40.31
CA GLU A 229 -10.83 19.54 -39.28
C GLU A 229 -11.48 19.18 -37.95
N LEU A 230 -11.03 18.07 -37.39
CA LEU A 230 -11.60 17.54 -36.17
C LEU A 230 -10.53 17.45 -35.10
N VAL A 231 -10.65 18.27 -34.05
CA VAL A 231 -9.69 18.25 -32.95
C VAL A 231 -9.96 17.09 -32.01
N GLU A 232 -8.93 16.66 -31.29
N GLU A 232 -8.93 16.66 -31.30
CA GLU A 232 -9.12 15.60 -30.30
CA GLU A 232 -9.11 15.63 -30.28
C GLU A 232 -9.95 16.09 -29.11
C GLU A 232 -10.01 16.12 -29.15
N THR A 233 -10.84 15.22 -28.63
CA THR A 233 -11.66 15.54 -27.47
C THR A 233 -10.72 15.91 -26.33
N ARG A 234 -11.00 17.03 -25.68
CA ARG A 234 -10.09 17.61 -24.71
C ARG A 234 -10.77 17.83 -23.36
N PRO A 235 -10.01 17.70 -22.27
CA PRO A 235 -10.58 17.97 -20.94
C PRO A 235 -10.76 19.46 -20.70
N ALA A 236 -11.90 19.84 -20.12
CA ALA A 236 -12.17 21.24 -19.82
C ALA A 236 -11.51 21.62 -18.51
N GLY A 237 -11.19 20.60 -17.71
CA GLY A 237 -10.53 20.79 -16.43
C GLY A 237 -11.44 20.61 -15.24
N ASP A 238 -12.75 20.58 -15.49
CA ASP A 238 -13.74 20.44 -14.42
C ASP A 238 -14.40 19.06 -14.44
N GLY A 239 -13.80 18.13 -15.17
CA GLY A 239 -14.36 16.81 -15.29
C GLY A 239 -15.19 16.61 -16.54
N THR A 240 -15.47 17.69 -17.26
CA THR A 240 -16.20 17.60 -18.52
C THR A 240 -15.24 17.70 -19.70
N PHE A 241 -15.77 17.46 -20.90
CA PHE A 241 -14.95 17.43 -22.11
C PHE A 241 -15.46 18.39 -23.17
N GLN A 242 -14.60 18.71 -24.13
CA GLN A 242 -14.93 19.60 -25.23
C GLN A 242 -14.52 18.97 -26.55
N LYS A 243 -15.23 19.35 -27.62
CA LYS A 243 -14.80 18.95 -28.95
C LYS A 243 -15.39 19.89 -30.01
N TRP A 244 -14.64 20.13 -31.08
CA TRP A 244 -15.19 20.81 -32.23
C TRP A 244 -14.78 20.23 -33.58
N ALA A 245 -15.57 20.54 -34.59
CA ALA A 245 -15.32 20.11 -35.95
C ALA A 245 -15.63 21.30 -36.86
N ALA A 246 -14.73 21.56 -37.81
CA ALA A 246 -14.88 22.73 -38.66
C ALA A 246 -14.67 22.40 -40.13
N VAL A 247 -15.42 23.08 -41.00
CA VAL A 247 -15.24 23.00 -42.43
C VAL A 247 -15.10 24.38 -43.03
N VAL A 248 -14.33 24.50 -44.12
CA VAL A 248 -14.23 25.75 -44.85
C VAL A 248 -15.14 25.69 -46.06
N VAL A 249 -16.11 26.61 -46.09
CA VAL A 249 -17.21 26.55 -47.02
C VAL A 249 -17.18 27.71 -48.01
N PRO A 250 -17.56 27.47 -49.27
CA PRO A 250 -17.71 28.62 -50.18
C PRO A 250 -18.81 29.54 -49.68
N SER A 251 -18.49 30.82 -49.48
CA SER A 251 -19.48 31.78 -49.04
C SER A 251 -20.74 31.67 -49.88
N GLY A 252 -21.88 31.56 -49.22
CA GLY A 252 -23.15 31.44 -49.89
C GLY A 252 -23.74 30.04 -49.87
N GLN A 253 -22.92 29.06 -49.50
CA GLN A 253 -23.36 27.66 -49.47
C GLN A 253 -23.61 27.15 -48.06
N GLU A 254 -23.63 28.06 -47.08
CA GLU A 254 -23.79 27.69 -45.68
C GLU A 254 -25.01 26.81 -45.40
N GLN A 255 -26.06 27.00 -46.18
CA GLN A 255 -27.31 26.28 -45.94
C GLN A 255 -27.25 24.81 -46.37
N ARG A 256 -26.22 24.46 -47.13
CA ARG A 256 -26.04 23.08 -47.57
C ARG A 256 -25.47 22.21 -46.45
N TYR A 257 -24.84 22.85 -45.46
CA TYR A 257 -24.11 22.14 -44.43
C TYR A 257 -24.88 21.93 -43.12
N THR A 258 -24.71 20.75 -42.55
CA THR A 258 -25.29 20.42 -41.26
C THR A 258 -24.24 19.77 -40.37
N CYS A 259 -24.25 20.13 -39.09
CA CYS A 259 -23.41 19.42 -38.12
C CYS A 259 -24.24 18.42 -37.35
N HIS A 260 -23.74 17.20 -37.28
CA HIS A 260 -24.46 16.11 -36.63
C HIS A 260 -23.71 15.70 -35.36
N VAL A 261 -24.43 15.60 -34.25
CA VAL A 261 -23.81 15.33 -32.97
C VAL A 261 -24.43 14.10 -32.32
N GLN A 262 -23.59 13.16 -31.91
CA GLN A 262 -24.04 11.98 -31.20
C GLN A 262 -23.33 11.87 -29.85
N HIS A 263 -24.11 11.74 -28.80
CA HIS A 263 -23.57 11.54 -27.46
C HIS A 263 -24.53 10.71 -26.61
N GLU A 264 -23.99 9.96 -25.65
CA GLU A 264 -24.78 9.07 -24.81
C GLU A 264 -25.84 9.82 -24.02
N GLY A 265 -25.60 11.11 -23.80
CA GLY A 265 -26.49 11.92 -23.00
C GLY A 265 -27.60 12.60 -23.78
N LEU A 266 -27.62 12.39 -25.09
CA LEU A 266 -28.64 12.94 -25.97
C LEU A 266 -29.74 11.92 -26.23
N PRO A 267 -31.00 12.32 -26.00
CA PRO A 267 -32.16 11.45 -26.28
C PRO A 267 -32.14 11.00 -27.74
N LYS A 268 -31.86 11.94 -28.64
CA LYS A 268 -31.65 11.64 -30.04
C LYS A 268 -30.44 12.44 -30.54
N PRO A 269 -29.84 11.98 -31.66
CA PRO A 269 -28.74 12.73 -32.28
C PRO A 269 -29.18 14.13 -32.71
N LEU A 270 -28.27 15.09 -32.65
CA LEU A 270 -28.59 16.48 -32.99
C LEU A 270 -28.17 16.82 -34.41
N THR A 271 -28.97 17.64 -35.07
CA THR A 271 -28.63 18.15 -36.39
C THR A 271 -28.71 19.67 -36.40
N LEU A 272 -27.55 20.31 -36.52
CA LEU A 272 -27.47 21.77 -36.50
C LEU A 272 -27.30 22.31 -37.92
N ARG A 273 -28.14 23.28 -38.27
CA ARG A 273 -28.09 23.88 -39.59
C ARG A 273 -27.98 25.39 -39.43
N TRP A 274 -27.02 26.00 -40.12
CA TRP A 274 -26.89 27.45 -40.08
C TRP A 274 -28.10 28.10 -40.73
N GLU A 275 -29.05 28.52 -39.90
CA GLU A 275 -30.32 29.07 -40.37
C GLU A 275 -31.12 29.59 -39.18
N MET B 1 14.66 4.91 -31.15
CA MET B 1 13.65 4.91 -30.10
C MET B 1 12.44 5.70 -30.56
N ILE B 2 11.26 5.24 -30.17
CA ILE B 2 10.01 5.87 -30.56
C ILE B 2 9.90 7.33 -30.09
N GLN B 3 9.45 8.19 -30.99
CA GLN B 3 9.19 9.60 -30.66
C GLN B 3 7.92 10.05 -31.38
N ARG B 4 7.04 10.72 -30.64
CA ARG B 4 5.81 11.25 -31.21
C ARG B 4 5.64 12.72 -30.85
N THR B 5 5.21 13.51 -31.84
CA THR B 5 5.06 14.94 -31.70
C THR B 5 3.80 15.31 -30.92
N PRO B 6 3.95 16.15 -29.88
CA PRO B 6 2.81 16.64 -29.10
C PRO B 6 1.83 17.43 -29.96
N LYS B 7 0.55 17.09 -29.86
CA LYS B 7 -0.51 17.92 -30.40
C LYS B 7 -0.79 19.00 -29.36
N ILE B 8 -1.10 20.20 -29.80
CA ILE B 8 -1.28 21.32 -28.87
C ILE B 8 -2.62 22.02 -29.08
N GLN B 9 -3.40 22.12 -28.01
CA GLN B 9 -4.62 22.92 -28.03
C GLN B 9 -4.62 23.95 -26.89
N VAL B 10 -4.92 25.20 -27.24
CA VAL B 10 -5.06 26.26 -26.25
C VAL B 10 -6.49 26.78 -26.27
N TYR B 11 -7.14 26.81 -25.11
CA TYR B 11 -8.57 27.14 -25.03
C TYR B 11 -8.95 27.44 -23.59
N SER B 12 -10.14 28.02 -23.41
CA SER B 12 -10.66 28.30 -22.09
C SER B 12 -11.65 27.21 -21.66
N ARG B 13 -11.77 27.00 -20.35
CA ARG B 13 -12.72 26.03 -19.79
C ARG B 13 -14.15 26.42 -20.11
N HIS B 14 -14.45 27.71 -19.93
CA HIS B 14 -15.77 28.25 -20.23
C HIS B 14 -15.68 29.17 -21.42
N PRO B 15 -16.75 29.27 -22.21
CA PRO B 15 -16.77 30.28 -23.29
C PRO B 15 -16.26 31.60 -22.74
N ALA B 16 -15.26 32.18 -23.38
CA ALA B 16 -14.62 33.37 -22.86
C ALA B 16 -15.57 34.56 -22.86
N GLU B 17 -15.63 35.25 -21.73
CA GLU B 17 -16.36 36.50 -21.61
C GLU B 17 -15.44 37.50 -20.94
N ASN B 18 -15.27 38.66 -21.57
CA ASN B 18 -14.39 39.68 -21.03
C ASN B 18 -14.79 40.05 -19.61
N GLY B 19 -13.81 40.05 -18.71
CA GLY B 19 -14.04 40.47 -17.34
C GLY B 19 -14.58 39.39 -16.42
N LYS B 20 -14.77 38.19 -16.94
CA LYS B 20 -15.34 37.10 -16.13
C LYS B 20 -14.35 35.97 -15.92
N SER B 21 -14.20 35.56 -14.66
CA SER B 21 -13.26 34.51 -14.27
C SER B 21 -13.38 33.25 -15.14
N ASN B 22 -12.27 32.53 -15.29
CA ASN B 22 -12.22 31.41 -16.22
C ASN B 22 -10.90 30.67 -16.01
N PHE B 23 -10.64 29.66 -16.85
CA PHE B 23 -9.39 28.92 -16.80
C PHE B 23 -8.78 28.82 -18.18
N LEU B 24 -7.50 29.16 -18.28
CA LEU B 24 -6.74 29.01 -19.51
C LEU B 24 -6.12 27.63 -19.59
N ASN B 25 -6.47 26.88 -20.62
CA ASN B 25 -6.01 25.50 -20.78
C ASN B 25 -5.03 25.37 -21.94
N CYS B 26 -3.97 24.60 -21.73
CA CYS B 26 -3.15 24.12 -22.83
C CYS B 26 -3.04 22.62 -22.73
N TYR B 27 -3.72 21.93 -23.65
CA TYR B 27 -3.77 20.48 -23.65
C TYR B 27 -2.77 19.89 -24.65
N VAL B 28 -1.77 19.18 -24.14
CA VAL B 28 -0.80 18.52 -25.00
C VAL B 28 -1.00 17.02 -24.97
N SER B 29 -1.07 16.40 -26.16
CA SER B 29 -1.36 14.98 -26.26
C SER B 29 -0.59 14.30 -27.38
N GLY B 30 -0.55 12.97 -27.33
CA GLY B 30 0.05 12.19 -28.38
C GLY B 30 1.57 12.24 -28.43
N PHE B 31 2.21 12.68 -27.36
CA PHE B 31 3.66 12.79 -27.40
C PHE B 31 4.41 11.64 -26.72
N HIS B 32 5.69 11.51 -27.04
CA HIS B 32 6.55 10.48 -26.47
C HIS B 32 7.95 10.83 -26.92
N PRO B 33 8.94 10.76 -26.01
CA PRO B 33 8.83 10.42 -24.58
C PRO B 33 8.10 11.49 -23.78
N SER B 34 8.04 11.30 -22.47
CA SER B 34 7.22 12.16 -21.60
C SER B 34 7.87 13.49 -21.23
N ASP B 35 9.18 13.61 -21.41
CA ASP B 35 9.84 14.89 -21.14
C ASP B 35 9.28 15.96 -22.05
N ILE B 36 8.63 16.95 -21.46
CA ILE B 36 8.02 18.03 -22.24
C ILE B 36 8.01 19.34 -21.46
N GLU B 37 8.17 20.43 -22.17
CA GLU B 37 8.15 21.75 -21.55
C GLU B 37 6.94 22.51 -22.04
N VAL B 38 6.09 22.94 -21.13
CA VAL B 38 4.89 23.69 -21.48
C VAL B 38 4.77 24.95 -20.63
N ASP B 39 4.63 26.09 -21.29
CA ASP B 39 4.44 27.35 -20.58
C ASP B 39 3.19 28.04 -21.11
N LEU B 40 2.43 28.64 -20.21
CA LEU B 40 1.33 29.50 -20.61
C LEU B 40 1.84 30.94 -20.54
N LEU B 41 1.66 31.68 -21.63
CA LEU B 41 2.19 33.03 -21.74
C LEU B 41 1.08 34.07 -21.73
N LYS B 42 1.30 35.14 -20.96
CA LYS B 42 0.42 36.29 -20.97
C LYS B 42 1.22 37.47 -21.53
N ASN B 43 0.77 37.97 -22.67
CA ASN B 43 1.48 39.04 -23.36
C ASN B 43 2.96 38.71 -23.51
N GLY B 44 3.25 37.47 -23.88
CA GLY B 44 4.60 37.05 -24.18
C GLY B 44 5.42 36.57 -23.00
N GLU B 45 4.92 36.78 -21.79
CA GLU B 45 5.68 36.41 -20.60
C GLU B 45 5.06 35.25 -19.82
N ARG B 46 5.93 34.38 -19.32
CA ARG B 46 5.52 33.17 -18.61
C ARG B 46 4.61 33.47 -17.44
N ILE B 47 3.55 32.68 -17.32
CA ILE B 47 2.64 32.77 -16.16
C ILE B 47 3.12 31.83 -15.07
N GLU B 48 3.38 32.39 -13.88
CA GLU B 48 3.98 31.65 -12.79
C GLU B 48 3.05 30.60 -12.18
N LYS B 49 1.80 30.98 -11.94
CA LYS B 49 0.83 30.11 -11.28
C LYS B 49 0.16 29.14 -12.25
N VAL B 50 0.95 28.27 -12.87
CA VAL B 50 0.42 27.26 -13.78
C VAL B 50 0.57 25.87 -13.20
N GLU B 51 -0.53 25.13 -13.16
CA GLU B 51 -0.52 23.76 -12.71
C GLU B 51 -0.81 22.82 -13.87
N HIS B 52 -0.65 21.52 -13.63
CA HIS B 52 -0.87 20.53 -14.67
C HIS B 52 -1.44 19.24 -14.10
N SER B 53 -2.16 18.50 -14.94
CA SER B 53 -2.71 17.21 -14.55
C SER B 53 -1.59 16.19 -14.35
N ASP B 54 -1.96 15.02 -13.87
CA ASP B 54 -0.99 13.95 -13.66
C ASP B 54 -0.78 13.18 -14.95
N LEU B 55 0.48 12.90 -15.27
CA LEU B 55 0.85 12.22 -16.51
C LEU B 55 0.05 10.94 -16.75
N SER B 56 -0.63 10.90 -17.89
CA SER B 56 -1.41 9.73 -18.28
C SER B 56 -1.05 9.43 -19.74
N PHE B 57 -1.61 8.36 -20.29
CA PHE B 57 -1.35 8.03 -21.68
C PHE B 57 -2.52 7.32 -22.36
N SER B 58 -2.45 7.25 -23.68
CA SER B 58 -3.54 6.71 -24.50
C SER B 58 -3.30 5.25 -24.94
N LYS B 59 -4.21 4.74 -25.75
CA LYS B 59 -4.15 3.34 -26.17
C LYS B 59 -2.89 3.02 -26.99
N ASP B 60 -2.32 4.05 -27.60
CA ASP B 60 -1.09 3.89 -28.38
C ASP B 60 0.15 4.22 -27.55
N TRP B 61 -0.04 4.32 -26.24
CA TRP B 61 1.04 4.62 -25.27
C TRP B 61 1.49 6.08 -25.23
N SER B 62 0.99 6.90 -26.14
CA SER B 62 1.39 8.31 -26.19
C SER B 62 0.81 9.09 -25.00
N PHE B 63 1.58 10.05 -24.49
CA PHE B 63 1.22 10.75 -23.26
C PHE B 63 0.29 11.94 -23.51
N TYR B 64 -0.44 12.33 -22.46
CA TYR B 64 -1.21 13.58 -22.49
C TYR B 64 -1.20 14.29 -21.13
N LEU B 65 -1.27 15.62 -21.17
CA LEU B 65 -1.23 16.46 -19.98
C LEU B 65 -2.08 17.70 -20.21
N LEU B 66 -2.72 18.18 -19.14
CA LEU B 66 -3.42 19.45 -19.21
C LEU B 66 -2.67 20.46 -18.36
N TYR B 67 -2.24 21.55 -18.97
CA TYR B 67 -1.68 22.68 -18.23
C TYR B 67 -2.76 23.74 -18.15
N TYR B 68 -2.94 24.32 -16.97
CA TYR B 68 -4.03 25.26 -16.75
C TYR B 68 -3.71 26.30 -15.69
N THR B 69 -4.36 27.45 -15.81
CA THR B 69 -4.18 28.55 -14.87
C THR B 69 -5.46 29.37 -14.86
N GLU B 70 -5.77 29.95 -13.70
CA GLU B 70 -6.92 30.84 -13.60
C GLU B 70 -6.63 32.13 -14.35
N PHE B 71 -7.63 32.67 -15.02
CA PHE B 71 -7.47 33.96 -15.67
C PHE B 71 -8.80 34.62 -16.01
N THR B 72 -8.74 35.92 -16.28
CA THR B 72 -9.91 36.69 -16.66
C THR B 72 -9.61 37.36 -17.99
N PRO B 73 -10.25 36.88 -19.07
CA PRO B 73 -10.00 37.39 -20.41
C PRO B 73 -10.38 38.85 -20.54
N THR B 74 -9.54 39.63 -21.19
CA THR B 74 -9.84 41.03 -21.48
C THR B 74 -9.77 41.24 -22.98
N GLU B 75 -10.34 42.34 -23.46
CA GLU B 75 -10.43 42.58 -24.90
C GLU B 75 -9.06 42.64 -25.56
N LYS B 76 -8.01 42.94 -24.80
CA LYS B 76 -6.70 43.19 -25.42
C LYS B 76 -5.53 42.33 -24.93
N ASP B 77 -5.69 41.64 -23.80
CA ASP B 77 -4.63 40.75 -23.33
C ASP B 77 -4.50 39.53 -24.25
N GLU B 78 -3.26 39.20 -24.61
CA GLU B 78 -3.00 38.09 -25.52
C GLU B 78 -2.40 36.89 -24.79
N TYR B 79 -2.91 35.70 -25.08
CA TYR B 79 -2.45 34.49 -24.40
C TYR B 79 -1.94 33.43 -25.38
N ALA B 80 -0.96 32.65 -24.93
CA ALA B 80 -0.36 31.63 -25.77
C ALA B 80 0.13 30.44 -24.94
N CYS B 81 0.46 29.37 -25.63
CA CYS B 81 1.09 28.22 -25.00
C CYS B 81 2.39 27.95 -25.74
N ARG B 82 3.48 27.83 -25.00
CA ARG B 82 4.79 27.56 -25.59
C ARG B 82 5.22 26.15 -25.23
N VAL B 83 5.43 25.32 -26.24
CA VAL B 83 5.72 23.92 -25.99
C VAL B 83 7.06 23.51 -26.58
N ASN B 84 7.86 22.81 -25.78
CA ASN B 84 9.12 22.28 -26.27
C ASN B 84 9.20 20.78 -26.02
N HIS B 85 9.69 20.06 -27.02
CA HIS B 85 9.77 18.61 -26.97
C HIS B 85 10.87 18.16 -27.92
N VAL B 86 11.41 16.97 -27.68
CA VAL B 86 12.51 16.46 -28.50
C VAL B 86 12.15 16.41 -29.98
N THR B 87 10.87 16.18 -30.30
CA THR B 87 10.43 16.04 -31.68
C THR B 87 10.33 17.37 -32.40
N LEU B 88 10.36 18.46 -31.64
CA LEU B 88 10.27 19.79 -32.21
C LEU B 88 11.67 20.37 -32.38
N SER B 89 11.96 20.89 -33.57
CA SER B 89 13.26 21.48 -33.83
C SER B 89 13.43 22.80 -33.07
N GLN B 90 12.31 23.46 -32.81
CA GLN B 90 12.28 24.68 -32.01
C GLN B 90 10.98 24.70 -31.20
N PRO B 91 10.95 25.44 -30.08
CA PRO B 91 9.72 25.52 -29.29
C PRO B 91 8.53 26.00 -30.14
N LYS B 92 7.38 25.35 -29.96
CA LYS B 92 6.17 25.67 -30.68
C LYS B 92 5.30 26.64 -29.88
N ILE B 93 4.98 27.79 -30.47
CA ILE B 93 4.07 28.75 -29.86
C ILE B 93 2.69 28.64 -30.50
N VAL B 94 1.67 28.41 -29.68
CA VAL B 94 0.29 28.41 -30.17
C VAL B 94 -0.56 29.46 -29.45
N LYS B 95 -0.98 30.48 -30.19
CA LYS B 95 -1.80 31.54 -29.62
C LYS B 95 -3.21 31.07 -29.24
N TRP B 96 -3.74 31.64 -28.17
CA TRP B 96 -5.13 31.42 -27.81
C TRP B 96 -6.06 32.22 -28.72
N ASP B 97 -6.91 31.52 -29.46
CA ASP B 97 -7.95 32.15 -30.24
C ASP B 97 -9.28 31.87 -29.57
N ARG B 98 -9.85 32.90 -28.94
CA ARG B 98 -11.06 32.72 -28.15
C ARG B 98 -12.24 32.26 -29.01
N ASP B 99 -12.37 32.85 -30.20
CA ASP B 99 -13.41 32.49 -31.15
C ASP B 99 -12.89 32.53 -32.58
N MET B 100 -12.99 31.43 -33.34
CA MET B 100 -13.40 30.09 -32.89
C MET B 100 -14.71 29.96 -32.12
N LYS C 1 -8.92 0.00 -6.26
CA LYS C 1 -7.69 -0.41 -5.59
C LYS C 1 -6.68 -1.05 -6.55
N ILE C 2 -5.41 -0.68 -6.41
CA ILE C 2 -4.35 -1.25 -7.24
C ILE C 2 -3.94 -2.65 -6.78
N LEU C 3 -3.22 -3.34 -7.66
CA LEU C 3 -2.78 -4.72 -7.44
C LEU C 3 -1.91 -4.89 -6.20
N GLY C 4 -2.16 -5.97 -5.46
CA GLY C 4 -1.43 -6.26 -4.23
C GLY C 4 0.03 -6.66 -4.42
C PRV C 5 2.69 -7.89 -5.97
N PRV C 5 0.35 -7.66 -5.24
O PRV C 5 2.63 -6.74 -6.37
N1 PRV C 5 3.83 -7.11 -3.58
O1 PRV C 5 4.96 -7.45 -3.87
O2 PRV C 5 3.49 -5.94 -3.74
CA PRV C 5 1.57 -8.46 -5.12
CG PRV C 5 1.92 -8.67 -3.68
CZ PRV C 5 2.34 -9.22 -0.97
CD1 PRV C 5 1.10 -9.58 -2.98
CD2 PRV C 5 2.94 -8.03 -2.98
CE1 PRV C 5 1.32 -9.86 -1.64
CE2 PRV C 5 3.16 -8.32 -1.64
N VAL C 6 3.38 -8.83 -6.62
CA VAL C 6 4.84 -8.84 -6.61
C VAL C 6 5.45 -8.55 -7.99
N PHE C 7 5.80 -9.61 -8.72
CA PHE C 7 6.44 -9.52 -10.03
C PHE C 7 7.95 -9.47 -9.94
O PRQ C 8 9.32 -10.10 -13.93
C PRQ C 8 9.62 -8.92 -14.06
CAJ PRQ C 8 9.73 -8.03 -12.85
CA PRQ C 8 9.69 -8.82 -11.55
N PRQ C 8 8.38 -8.67 -10.92
CAK PRQ C 8 10.76 -8.27 -10.69
CAH PRQ C 8 10.65 -6.95 -10.26
CAF PRQ C 8 11.63 -6.38 -9.45
CAG PRQ C 8 12.71 -7.16 -9.05
CAI PRQ C 8 12.82 -8.48 -9.47
CAL PRQ C 8 11.84 -9.04 -10.28
NAN PRQ C 8 11.98 -10.39 -10.67
OAD PRQ C 8 11.03 -11.16 -10.64
OAC PRQ C 8 13.07 -10.81 -11.02
N VAL C 9 9.50 -8.24 -15.19
CA VAL C 9 10.24 -8.51 -16.40
C VAL C 9 11.56 -9.23 -16.15
N GLY D 1 19.46 5.69 17.24
CA GLY D 1 19.24 4.89 18.44
C GLY D 1 19.83 3.50 18.32
N SER D 2 19.60 2.68 19.35
N SER D 2 19.61 2.68 19.34
CA SER D 2 20.09 1.31 19.37
CA SER D 2 20.11 1.32 19.35
C SER D 2 19.17 0.40 18.57
C SER D 2 19.19 0.42 18.52
N HIS D 3 19.69 -0.77 18.20
CA HIS D 3 18.92 -1.75 17.42
C HIS D 3 19.20 -3.17 17.85
N SER D 4 18.34 -4.08 17.42
CA SER D 4 18.54 -5.49 17.71
C SER D 4 18.06 -6.37 16.57
N MET D 5 18.64 -7.56 16.48
CA MET D 5 18.09 -8.62 15.67
C MET D 5 17.90 -9.83 16.57
N ARG D 6 16.73 -10.44 16.50
CA ARG D 6 16.41 -11.56 17.36
C ARG D 6 15.64 -12.61 16.59
N TYR D 7 15.94 -13.87 16.87
CA TYR D 7 15.18 -14.98 16.31
C TYR D 7 14.48 -15.76 17.42
N PHE D 8 13.22 -16.11 17.17
CA PHE D 8 12.39 -16.80 18.13
C PHE D 8 11.98 -18.14 17.54
N PHE D 9 12.19 -19.22 18.31
CA PHE D 9 11.85 -20.56 17.84
C PHE D 9 10.91 -21.24 18.82
N THR D 10 9.86 -21.87 18.30
CA THR D 10 8.93 -22.59 19.16
C THR D 10 8.76 -24.00 18.63
N SER D 11 9.01 -24.96 19.49
CA SER D 11 8.87 -26.37 19.17
CA SER D 11 8.85 -26.37 19.15
C SER D 11 7.88 -27.04 20.11
N VAL D 12 6.86 -27.69 19.56
CA VAL D 12 5.81 -28.30 20.37
C VAL D 12 5.57 -29.74 19.96
N SER D 13 5.76 -30.67 20.90
CA SER D 13 5.44 -32.07 20.63
C SER D 13 3.92 -32.29 20.55
N ARG D 14 3.50 -33.15 19.63
CA ARG D 14 2.09 -33.42 19.42
C ARG D 14 1.85 -34.92 19.45
N PRO D 15 1.91 -35.52 20.65
CA PRO D 15 1.82 -36.97 20.81
C PRO D 15 0.71 -37.57 19.97
N GLY D 16 1.06 -38.50 19.09
CA GLY D 16 0.08 -39.20 18.26
C GLY D 16 -0.61 -38.31 17.25
N ARG D 17 -0.02 -37.16 16.97
CA ARG D 17 -0.59 -36.24 15.99
CA ARG D 17 -0.58 -36.21 16.01
C ARG D 17 0.49 -35.75 15.02
N GLY D 18 1.40 -36.65 14.69
CA GLY D 18 2.46 -36.36 13.74
C GLY D 18 3.65 -35.64 14.34
N GLU D 19 4.47 -35.07 13.46
CA GLU D 19 5.70 -34.40 13.86
C GLU D 19 5.43 -33.28 14.85
N PRO D 20 6.44 -32.94 15.66
CA PRO D 20 6.36 -31.77 16.52
C PRO D 20 6.17 -30.52 15.65
N ARG D 21 5.35 -29.59 16.11
CA ARG D 21 5.19 -28.31 15.43
C ARG D 21 6.44 -27.47 15.65
N PHE D 22 6.95 -26.85 14.58
CA PHE D 22 8.12 -25.97 14.70
C PHE D 22 7.90 -24.65 13.97
N ILE D 23 8.01 -23.55 14.71
CA ILE D 23 7.80 -22.22 14.15
C ILE D 23 9.00 -21.33 14.46
N ALA D 24 9.54 -20.70 13.42
CA ALA D 24 10.64 -19.77 13.59
C ALA D 24 10.24 -18.39 13.08
N VAL D 25 10.57 -17.36 13.83
CA VAL D 25 10.35 -15.98 13.40
C VAL D 25 11.58 -15.10 13.66
N GLY D 26 11.81 -14.15 12.75
CA GLY D 26 12.94 -13.25 12.86
C GLY D 26 12.50 -11.80 12.88
N TYR D 27 13.14 -11.01 13.74
CA TYR D 27 12.80 -9.62 13.91
C TYR D 27 14.05 -8.75 13.81
N VAL D 28 13.91 -7.59 13.19
CA VAL D 28 14.85 -6.50 13.41
C VAL D 28 14.08 -5.45 14.21
N ASP D 29 14.57 -5.15 15.41
CA ASP D 29 13.81 -4.33 16.35
C ASP D 29 12.41 -4.91 16.50
N ASP D 30 11.38 -4.12 16.20
CA ASP D 30 9.99 -4.60 16.33
C ASP D 30 9.33 -4.95 14.98
N THR D 31 10.15 -5.19 13.96
CA THR D 31 9.64 -5.55 12.64
C THR D 31 10.00 -6.99 12.25
N GLN D 32 8.98 -7.84 12.09
CA GLN D 32 9.22 -9.20 11.64
C GLN D 32 9.66 -9.22 10.17
N PHE D 33 10.64 -10.05 9.84
CA PHE D 33 11.09 -10.10 8.44
C PHE D 33 11.19 -11.51 7.86
N VAL D 34 11.15 -12.54 8.70
CA VAL D 34 11.12 -13.92 8.21
C VAL D 34 10.29 -14.84 9.09
N ARG D 35 9.85 -15.95 8.49
CA ARG D 35 9.17 -17.00 9.23
C ARG D 35 9.52 -18.36 8.63
N PHE D 36 9.38 -19.38 9.47
CA PHE D 36 9.31 -20.77 9.01
C PHE D 36 8.19 -21.46 9.80
N ASP D 37 7.35 -22.19 9.09
CA ASP D 37 6.30 -22.95 9.75
C ASP D 37 6.27 -24.38 9.21
N SER D 38 6.62 -25.33 10.06
CA SER D 38 6.69 -26.75 9.71
C SER D 38 5.39 -27.29 9.11
N ASP D 39 4.28 -26.63 9.43
CA ASP D 39 2.98 -27.05 8.92
C ASP D 39 2.64 -26.42 7.57
N ALA D 40 3.30 -25.33 7.23
CA ALA D 40 3.09 -24.65 5.95
C ALA D 40 3.61 -25.50 4.79
N ALA D 41 3.19 -25.17 3.58
CA ALA D 41 3.45 -26.01 2.41
C ALA D 41 4.87 -25.90 1.88
N SER D 42 5.45 -24.71 1.94
CA SER D 42 6.72 -24.44 1.27
C SER D 42 7.89 -25.21 1.86
N GLN D 43 7.90 -25.40 3.18
CA GLN D 43 9.06 -25.98 3.86
C GLN D 43 10.30 -25.12 3.61
N ARG D 44 10.08 -23.81 3.49
CA ARG D 44 11.18 -22.88 3.27
C ARG D 44 11.07 -21.67 4.19
N MET D 45 12.21 -21.08 4.52
CA MET D 45 12.19 -19.76 5.16
C MET D 45 11.55 -18.76 4.18
N GLU D 46 10.62 -17.96 4.67
CA GLU D 46 9.87 -17.02 3.81
C GLU D 46 10.01 -15.58 4.28
N PRO D 47 9.92 -14.63 3.35
CA PRO D 47 10.00 -13.19 3.66
C PRO D 47 8.70 -12.71 4.31
N ARG D 48 8.82 -11.80 5.26
CA ARG D 48 7.66 -11.19 5.90
C ARG D 48 7.86 -9.67 5.93
N ALA D 49 8.80 -9.20 5.13
CA ALA D 49 9.07 -7.77 5.02
C ALA D 49 9.56 -7.43 3.62
N PRO D 50 9.14 -6.28 3.09
CA PRO D 50 9.44 -5.86 1.71
C PRO D 50 10.94 -5.86 1.42
N TRP D 51 11.72 -5.32 2.36
CA TRP D 51 13.14 -5.10 2.14
C TRP D 51 14.00 -6.36 2.15
N ILE D 52 13.39 -7.51 2.38
CA ILE D 52 14.15 -8.77 2.36
C ILE D 52 13.66 -9.66 1.20
N GLU D 53 12.53 -9.30 0.61
CA GLU D 53 11.91 -10.08 -0.46
C GLU D 53 12.80 -10.29 -1.68
N GLN D 54 13.74 -9.38 -1.90
CA GLN D 54 14.57 -9.41 -3.09
C GLN D 54 16.02 -9.77 -2.76
N GLU D 55 16.22 -10.50 -1.66
CA GLU D 55 17.56 -10.86 -1.23
C GLU D 55 18.25 -11.84 -2.18
N GLY D 56 17.48 -12.76 -2.77
CA GLY D 56 18.06 -13.71 -3.70
C GLY D 56 18.09 -15.14 -3.20
N PRO D 57 18.00 -16.11 -4.13
CA PRO D 57 17.92 -17.54 -3.85
C PRO D 57 19.07 -18.09 -3.01
N GLU D 58 20.27 -17.54 -3.18
CA GLU D 58 21.38 -17.96 -2.31
C GLU D 58 21.00 -17.65 -0.86
N TYR D 59 20.55 -16.43 -0.61
CA TYR D 59 20.13 -16.06 0.74
C TYR D 59 19.05 -17.00 1.24
N TRP D 60 17.99 -17.16 0.45
CA TRP D 60 16.83 -17.93 0.87
C TRP D 60 17.09 -19.42 1.00
N ASP D 61 17.89 -19.97 0.10
CA ASP D 61 18.27 -21.37 0.17
C ASP D 61 19.08 -21.64 1.43
N GLY D 62 19.92 -20.68 1.79
CA GLY D 62 20.77 -20.81 2.97
C GLY D 62 19.96 -20.80 4.26
N GLU D 63 19.05 -19.84 4.38
CA GLU D 63 18.23 -19.72 5.58
C GLU D 63 17.32 -20.94 5.72
N THR D 64 16.85 -21.46 4.59
CA THR D 64 16.01 -22.65 4.60
C THR D 64 16.80 -23.84 5.12
N ARG D 65 17.99 -24.05 4.56
CA ARG D 65 18.84 -25.15 4.98
C ARG D 65 19.12 -25.05 6.48
N LYS D 66 19.49 -23.86 6.94
CA LYS D 66 19.83 -23.68 8.35
C LYS D 66 18.61 -23.88 9.25
N VAL D 67 17.46 -23.32 8.88
CA VAL D 67 16.26 -23.42 9.71
C VAL D 67 15.75 -24.86 9.79
N LYS D 68 16.07 -25.67 8.79
CA LYS D 68 15.71 -27.08 8.83
C LYS D 68 16.61 -27.77 9.83
N ALA D 69 17.83 -27.27 9.97
CA ALA D 69 18.77 -27.82 10.94
C ALA D 69 18.31 -27.50 12.36
N HIS D 70 17.74 -26.31 12.55
CA HIS D 70 17.13 -25.92 13.82
C HIS D 70 15.97 -26.84 14.16
N SER D 71 15.12 -27.09 13.17
CA SER D 71 13.94 -27.94 13.36
C SER D 71 14.33 -29.36 13.80
N GLN D 72 15.32 -29.92 13.13
CA GLN D 72 15.79 -31.25 13.49
C GLN D 72 16.40 -31.28 14.89
N THR D 73 17.15 -30.24 15.24
CA THR D 73 17.76 -30.14 16.54
C THR D 73 16.69 -30.15 17.63
N HIS D 74 15.62 -29.39 17.41
CA HIS D 74 14.57 -29.25 18.40
C HIS D 74 13.68 -30.48 18.52
N ARG D 75 13.57 -31.25 17.44
CA ARG D 75 12.80 -32.49 17.50
C ARG D 75 13.48 -33.47 18.44
N VAL D 76 14.80 -33.52 18.38
CA VAL D 76 15.57 -34.41 19.25
C VAL D 76 15.50 -33.91 20.69
N ASP D 77 15.66 -32.59 20.85
CA ASP D 77 15.66 -31.99 22.18
C ASP D 77 14.40 -32.36 22.96
N LEU D 78 13.26 -32.33 22.27
CA LEU D 78 11.98 -32.67 22.89
C LEU D 78 12.06 -34.06 23.49
N GLY D 79 12.72 -34.97 22.78
CA GLY D 79 12.94 -36.33 23.27
C GLY D 79 13.88 -36.36 24.45
N THR D 80 15.02 -35.71 24.31
CA THR D 80 16.02 -35.63 25.38
C THR D 80 15.40 -35.08 26.68
N LEU D 81 14.71 -33.95 26.57
CA LEU D 81 14.09 -33.29 27.71
C LEU D 81 13.01 -34.13 28.39
N ARG D 82 12.23 -34.85 27.59
CA ARG D 82 11.27 -35.79 28.15
C ARG D 82 12.03 -36.81 29.00
N GLY D 83 13.21 -37.18 28.54
CA GLY D 83 14.06 -38.10 29.27
C GLY D 83 14.56 -37.50 30.56
N TYR D 84 15.23 -36.36 30.48
CA TYR D 84 15.75 -35.69 31.65
C TYR D 84 14.68 -35.63 32.74
N TYR D 85 13.45 -35.37 32.33
CA TYR D 85 12.37 -35.14 33.29
C TYR D 85 11.50 -36.38 33.51
N ASN D 86 11.91 -37.50 32.95
CA ASN D 86 11.16 -38.75 33.10
C ASN D 86 9.66 -38.53 32.89
N GLN D 87 9.33 -37.91 31.76
CA GLN D 87 7.93 -37.59 31.45
C GLN D 87 7.33 -38.60 30.49
N SER D 88 6.00 -38.72 30.54
CA SER D 88 5.28 -39.64 29.67
CA SER D 88 5.27 -39.63 29.67
C SER D 88 5.34 -39.18 28.22
N GLU D 89 5.35 -40.15 27.31
CA GLU D 89 5.37 -39.88 25.87
C GLU D 89 4.03 -39.30 25.43
N ALA D 90 3.04 -39.37 26.32
CA ALA D 90 1.67 -39.02 25.97
C ALA D 90 1.35 -37.52 25.99
N GLY D 91 2.11 -36.76 26.76
CA GLY D 91 1.81 -35.35 26.94
C GLY D 91 2.51 -34.45 25.93
N SER D 92 1.93 -33.28 25.69
CA SER D 92 2.54 -32.30 24.82
C SER D 92 3.44 -31.39 25.63
N HIS D 93 4.63 -31.10 25.11
CA HIS D 93 5.56 -30.20 25.78
C HIS D 93 6.14 -29.18 24.81
N THR D 94 6.69 -28.11 25.37
CA THR D 94 7.09 -26.95 24.59
C THR D 94 8.54 -26.58 24.81
N VAL D 95 9.32 -26.53 23.74
CA VAL D 95 10.65 -25.95 23.79
C VAL D 95 10.62 -24.54 23.17
N GLN D 96 11.18 -23.55 23.86
CA GLN D 96 11.37 -22.24 23.26
C GLN D 96 12.83 -21.80 23.28
N ARG D 97 13.24 -21.14 22.20
CA ARG D 97 14.61 -20.67 22.06
CA ARG D 97 14.61 -20.69 22.05
C ARG D 97 14.61 -19.27 21.48
N MET D 98 15.42 -18.39 22.07
CA MET D 98 15.55 -17.05 21.55
C MET D 98 17.03 -16.68 21.55
N TYR D 99 17.51 -16.14 20.44
CA TYR D 99 18.85 -15.55 20.42
C TYR D 99 18.90 -14.30 19.55
N GLY D 100 19.94 -13.48 19.73
CA GLY D 100 20.05 -12.26 18.99
C GLY D 100 21.13 -11.36 19.55
N CYS D 101 21.22 -10.15 18.99
CA CYS D 101 22.28 -9.22 19.34
C CYS D 101 21.75 -7.82 19.38
N ASP D 102 22.32 -7.00 20.27
CA ASP D 102 21.96 -5.59 20.35
C ASP D 102 23.13 -4.75 19.87
N VAL D 103 22.84 -3.71 19.09
CA VAL D 103 23.86 -2.72 18.74
C VAL D 103 23.41 -1.34 19.22
N GLY D 104 24.37 -0.43 19.37
CA GLY D 104 24.08 0.91 19.86
C GLY D 104 23.85 1.89 18.72
N SER D 105 23.80 3.17 19.08
CA SER D 105 23.60 4.23 18.09
C SER D 105 24.63 4.16 16.96
N ASP D 106 25.80 3.62 17.28
CA ASP D 106 26.89 3.50 16.31
C ASP D 106 26.88 2.15 15.61
N TRP D 107 25.85 1.34 15.87
CA TRP D 107 25.70 0.03 15.26
C TRP D 107 26.82 -0.94 15.64
N ARG D 108 27.51 -0.66 16.74
CA ARG D 108 28.59 -1.50 17.20
C ARG D 108 28.11 -2.49 18.26
N PHE D 109 28.38 -3.78 18.03
CA PHE D 109 27.98 -4.82 18.96
C PHE D 109 27.80 -4.26 20.37
N LEU D 110 26.65 -4.54 20.97
CA LEU D 110 26.35 -4.08 22.32
C LEU D 110 26.32 -5.23 23.31
N ARG D 111 25.73 -6.34 22.90
CA ARG D 111 25.63 -7.52 23.75
C ARG D 111 24.82 -8.62 23.07
N GLY D 112 25.18 -9.87 23.34
CA GLY D 112 24.50 -11.01 22.76
C GLY D 112 23.56 -11.68 23.75
N TYR D 113 22.85 -12.71 23.28
CA TYR D 113 21.92 -13.44 24.14
C TYR D 113 21.43 -14.72 23.45
N HIS D 114 21.29 -15.78 24.23
CA HIS D 114 20.82 -17.06 23.70
C HIS D 114 20.11 -17.86 24.78
N GLN D 115 18.82 -17.59 24.96
CA GLN D 115 17.99 -18.25 25.98
CA GLN D 115 18.03 -18.26 25.97
C GLN D 115 17.32 -19.53 25.50
N TYR D 116 16.88 -20.34 26.45
CA TYR D 116 16.18 -21.57 26.15
C TYR D 116 15.18 -21.80 27.27
N ALA D 117 13.94 -22.11 26.90
CA ALA D 117 12.89 -22.42 27.87
C ALA D 117 12.25 -23.77 27.61
N TYR D 118 11.83 -24.44 28.67
CA TYR D 118 11.13 -25.71 28.53
C TYR D 118 9.83 -25.61 29.30
N ASP D 119 8.73 -25.89 28.63
CA ASP D 119 7.40 -25.77 29.23
C ASP D 119 7.19 -24.43 29.92
N GLY D 120 7.62 -23.36 29.25
CA GLY D 120 7.34 -22.01 29.70
C GLY D 120 8.18 -21.52 30.86
N LYS D 121 9.18 -22.30 31.23
CA LYS D 121 10.11 -21.94 32.30
C LYS D 121 11.53 -21.83 31.76
N ASP D 122 12.32 -20.92 32.35
CA ASP D 122 13.73 -20.80 32.02
C ASP D 122 14.35 -22.17 32.14
N TYR D 123 15.10 -22.59 31.13
CA TYR D 123 15.83 -23.85 31.21
C TYR D 123 17.33 -23.58 31.28
N ILE D 124 17.88 -22.96 30.24
CA ILE D 124 19.30 -22.58 30.24
C ILE D 124 19.50 -21.26 29.48
N ALA D 125 20.48 -20.48 29.94
CA ALA D 125 20.74 -19.19 29.32
C ALA D 125 22.23 -18.87 29.27
N LEU D 126 22.65 -18.28 28.15
CA LEU D 126 24.00 -17.80 28.00
C LEU D 126 24.16 -16.49 28.75
N LYS D 127 25.17 -16.39 29.62
CA LYS D 127 25.39 -15.18 30.40
C LYS D 127 25.91 -14.04 29.51
N GLU D 128 25.80 -12.81 29.98
CA GLU D 128 26.18 -11.66 29.17
CA GLU D 128 26.19 -11.65 29.18
C GLU D 128 27.68 -11.64 28.86
N ASP D 129 28.45 -12.44 29.59
CA ASP D 129 29.88 -12.54 29.30
C ASP D 129 30.09 -13.36 28.01
N LEU D 130 29.01 -13.95 27.53
CA LEU D 130 29.03 -14.75 26.30
C LEU D 130 30.00 -15.93 26.40
N ARG D 131 30.21 -16.41 27.63
CA ARG D 131 31.18 -17.46 27.86
C ARG D 131 30.69 -18.52 28.83
N SER D 132 29.78 -18.14 29.72
CA SER D 132 29.25 -19.09 30.70
C SER D 132 27.74 -19.28 30.58
N TRP D 133 27.21 -20.25 31.34
CA TRP D 133 25.80 -20.63 31.25
C TRP D 133 25.09 -20.55 32.59
N THR D 134 23.80 -20.22 32.57
CA THR D 134 22.95 -20.28 33.75
C THR D 134 21.92 -21.40 33.61
N ALA D 135 22.07 -22.43 34.43
CA ALA D 135 21.16 -23.57 34.42
C ALA D 135 20.06 -23.39 35.47
N ALA D 136 18.82 -23.58 35.05
CA ALA D 136 17.66 -23.31 35.89
C ALA D 136 17.42 -24.36 36.96
N ASP D 137 17.74 -25.61 36.64
CA ASP D 137 17.52 -26.72 37.58
C ASP D 137 18.57 -27.79 37.39
N MET D 138 18.33 -28.97 37.96
CA MET D 138 19.29 -30.06 37.91
C MET D 138 19.48 -30.58 36.49
N ALA D 139 18.39 -30.68 35.74
CA ALA D 139 18.43 -31.16 34.36
C ALA D 139 19.24 -30.22 33.46
N ALA D 140 18.92 -28.93 33.52
CA ALA D 140 19.62 -27.93 32.76
C ALA D 140 21.12 -27.95 33.07
N GLN D 141 21.46 -28.41 34.28
CA GLN D 141 22.86 -28.50 34.67
CA GLN D 141 22.85 -28.53 34.69
C GLN D 141 23.59 -29.52 33.80
N THR D 142 22.90 -30.60 33.44
CA THR D 142 23.45 -31.62 32.56
C THR D 142 23.74 -31.05 31.18
N THR D 143 22.80 -30.25 30.66
CA THR D 143 22.98 -29.59 29.38
C THR D 143 24.16 -28.62 29.47
N LYS D 144 24.23 -27.89 30.58
CA LYS D 144 25.30 -26.94 30.82
C LYS D 144 26.68 -27.60 30.71
N HIS D 145 26.80 -28.80 31.25
CA HIS D 145 28.07 -29.51 31.19
CA HIS D 145 28.06 -29.55 31.19
C HIS D 145 28.37 -29.98 29.76
N LYS D 146 27.33 -30.42 29.05
CA LYS D 146 27.48 -30.81 27.65
C LYS D 146 27.98 -29.64 26.81
N TRP D 147 27.28 -28.51 26.91
CA TRP D 147 27.61 -27.35 26.10
C TRP D 147 28.97 -26.81 26.49
N GLU D 148 29.30 -26.92 27.77
CA GLU D 148 30.61 -26.52 28.24
C GLU D 148 31.71 -27.36 27.58
N ALA D 149 31.49 -28.67 27.51
CA ALA D 149 32.48 -29.57 26.93
C ALA D 149 32.62 -29.41 25.42
N ALA D 150 31.53 -29.04 24.76
CA ALA D 150 31.52 -28.88 23.31
C ALA D 150 31.83 -27.45 22.87
N HIS D 151 32.20 -26.59 23.82
CA HIS D 151 32.53 -25.20 23.54
C HIS D 151 31.43 -24.46 22.75
N VAL D 152 30.18 -24.69 23.15
CA VAL D 152 29.03 -24.10 22.46
C VAL D 152 28.99 -22.57 22.54
N ALA D 153 29.37 -22.02 23.68
CA ALA D 153 29.35 -20.58 23.87
C ALA D 153 30.31 -19.88 22.89
N GLU D 154 31.44 -20.53 22.61
CA GLU D 154 32.46 -19.97 21.73
C GLU D 154 31.94 -19.77 20.31
N GLN D 155 31.22 -20.77 19.81
CA GLN D 155 30.65 -20.69 18.47
C GLN D 155 29.46 -19.72 18.46
N LEU D 156 28.71 -19.69 19.56
CA LEU D 156 27.63 -18.74 19.72
C LEU D 156 28.18 -17.32 19.76
N ARG D 157 29.24 -17.12 20.53
CA ARG D 157 29.85 -15.80 20.65
C ARG D 157 30.25 -15.27 19.28
N ALA D 158 30.89 -16.12 18.48
CA ALA D 158 31.32 -15.74 17.14
C ALA D 158 30.12 -15.33 16.28
N TYR D 159 29.02 -16.06 16.39
CA TYR D 159 27.81 -15.69 15.66
C TYR D 159 27.24 -14.37 16.15
N LEU D 160 27.08 -14.26 17.46
CA LEU D 160 26.44 -13.10 18.08
C LEU D 160 27.21 -11.81 17.83
N GLU D 161 28.54 -11.89 17.88
CA GLU D 161 29.41 -10.74 17.65
C GLU D 161 29.61 -10.44 16.18
N GLY D 162 29.70 -11.49 15.38
CA GLY D 162 30.03 -11.34 13.97
C GLY D 162 28.83 -11.34 13.05
N THR D 163 28.34 -12.53 12.71
CA THR D 163 27.24 -12.67 11.76
C THR D 163 26.02 -11.84 12.15
N CYS D 164 25.68 -11.87 13.43
CA CYS D 164 24.46 -11.21 13.90
C CYS D 164 24.50 -9.70 13.68
N VAL D 165 25.59 -9.06 14.09
CA VAL D 165 25.68 -7.61 13.93
C VAL D 165 25.89 -7.23 12.46
N GLU D 166 26.73 -8.01 11.76
CA GLU D 166 27.01 -7.78 10.35
C GLU D 166 25.73 -7.70 9.55
N TRP D 167 24.86 -8.68 9.77
CA TRP D 167 23.62 -8.76 9.01
C TRP D 167 22.50 -7.85 9.53
N LEU D 168 22.48 -7.62 10.84
CA LEU D 168 21.60 -6.60 11.40
C LEU D 168 21.85 -5.27 10.67
N ARG D 169 23.12 -4.91 10.53
CA ARG D 169 23.53 -3.70 9.82
C ARG D 169 23.09 -3.71 8.35
N ARG D 170 23.30 -4.82 7.70
CA ARG D 170 22.84 -5.03 6.33
C ARG D 170 21.35 -4.71 6.18
N TYR D 171 20.57 -5.37 7.02
CA TYR D 171 19.10 -5.23 7.01
C TYR D 171 18.66 -3.79 7.28
N LEU D 172 19.26 -3.17 8.30
CA LEU D 172 18.99 -1.76 8.59
C LEU D 172 19.25 -0.87 7.38
N GLU D 173 20.29 -1.22 6.63
CA GLU D 173 20.66 -0.47 5.43
C GLU D 173 19.67 -0.72 4.30
N ASN D 174 19.38 -2.00 4.04
CA ASN D 174 18.49 -2.38 2.95
C ASN D 174 17.03 -2.01 3.20
N GLY D 175 16.61 -2.04 4.47
CA GLY D 175 15.25 -1.70 4.83
C GLY D 175 15.17 -0.37 5.55
N LYS D 176 16.10 0.53 5.26
CA LYS D 176 16.18 1.83 5.91
C LYS D 176 14.84 2.54 6.10
N GLU D 177 14.09 2.73 5.02
CA GLU D 177 12.81 3.43 5.09
CA GLU D 177 12.80 3.42 5.09
C GLU D 177 11.96 2.87 6.23
N THR D 178 11.93 1.56 6.35
CA THR D 178 11.14 0.87 7.36
C THR D 178 11.82 0.84 8.73
N LEU D 179 13.04 0.34 8.76
CA LEU D 179 13.69 0.02 10.03
C LEU D 179 14.28 1.23 10.74
N GLN D 180 14.79 2.19 9.97
CA GLN D 180 15.38 3.39 10.54
C GLN D 180 14.38 4.55 10.52
N ARG D 181 13.34 4.45 11.33
CA ARG D 181 12.31 5.48 11.40
C ARG D 181 11.61 5.47 12.76
N THR D 182 11.38 6.66 13.30
CA THR D 182 10.71 6.79 14.59
C THR D 182 9.35 7.45 14.44
N ASP D 183 8.30 6.62 14.38
CA ASP D 183 6.94 7.13 14.24
C ASP D 183 6.37 7.56 15.58
N ALA D 184 6.51 8.84 15.89
CA ALA D 184 6.01 9.40 17.13
C ALA D 184 4.54 9.01 17.28
N PRO D 185 4.10 8.76 18.52
CA PRO D 185 2.69 8.40 18.73
C PRO D 185 1.76 9.54 18.32
N LYS D 186 0.66 9.20 17.65
CA LYS D 186 -0.43 10.15 17.51
C LYS D 186 -1.35 9.92 18.71
N THR D 187 -1.59 10.98 19.47
CA THR D 187 -2.30 10.88 20.73
C THR D 187 -3.61 11.68 20.75
N HIS D 188 -4.59 11.14 21.45
CA HIS D 188 -5.81 11.87 21.73
C HIS D 188 -6.47 11.27 22.96
N MET D 189 -7.52 11.93 23.43
CA MET D 189 -8.19 11.49 24.64
CA MET D 189 -8.20 11.50 24.64
C MET D 189 -9.67 11.30 24.34
N THR D 190 -10.28 10.33 25.01
CA THR D 190 -11.72 10.15 24.89
C THR D 190 -12.36 10.26 26.26
N HIS D 191 -13.63 10.62 26.26
CA HIS D 191 -14.41 10.80 27.48
C HIS D 191 -15.73 10.07 27.29
N HIS D 192 -16.07 9.19 28.23
CA HIS D 192 -17.35 8.50 28.20
C HIS D 192 -17.93 8.42 29.60
N ALA D 193 -19.19 8.82 29.73
CA ALA D 193 -19.87 8.85 31.02
C ALA D 193 -20.22 7.45 31.51
N VAL D 194 -19.74 7.11 32.69
CA VAL D 194 -20.03 5.81 33.31
C VAL D 194 -21.28 5.92 34.18
N SER D 195 -21.59 7.14 34.59
CA SER D 195 -22.81 7.44 35.33
C SER D 195 -22.98 8.96 35.39
N ASP D 196 -23.88 9.43 36.23
CA ASP D 196 -24.07 10.86 36.38
C ASP D 196 -22.96 11.49 37.22
N HIS D 197 -22.17 10.65 37.89
CA HIS D 197 -21.15 11.16 38.80
C HIS D 197 -19.74 10.71 38.45
N GLU D 198 -19.60 9.91 37.41
CA GLU D 198 -18.27 9.45 36.98
C GLU D 198 -18.12 9.33 35.47
N ALA D 199 -16.90 9.47 35.00
CA ALA D 199 -16.59 9.37 33.58
C ALA D 199 -15.24 8.70 33.39
N THR D 200 -15.13 7.89 32.34
CA THR D 200 -13.86 7.27 31.99
C THR D 200 -13.09 8.16 31.04
N LEU D 201 -11.87 8.51 31.42
CA LEU D 201 -10.99 9.26 30.53
CA LEU D 201 -10.98 9.26 30.54
C LEU D 201 -9.93 8.30 30.00
N ARG D 202 -9.86 8.15 28.68
CA ARG D 202 -8.92 7.23 28.06
C ARG D 202 -7.89 7.97 27.22
N CYS D 203 -6.62 7.78 27.52
CA CYS D 203 -5.53 8.40 26.78
C CYS D 203 -5.01 7.43 25.73
N TRP D 204 -5.04 7.85 24.46
CA TRP D 204 -4.67 6.98 23.35
C TRP D 204 -3.32 7.32 22.75
N ALA D 205 -2.49 6.29 22.54
CA ALA D 205 -1.29 6.45 21.74
C ALA D 205 -1.41 5.52 20.54
N LEU D 206 -1.32 6.06 19.33
CA LEU D 206 -1.53 5.27 18.13
C LEU D 206 -0.45 5.42 17.07
N SER D 207 -0.37 4.43 16.19
CA SER D 207 0.51 4.44 15.04
CA SER D 207 0.51 4.44 15.04
C SER D 207 1.96 4.81 15.37
N PHE D 208 2.48 4.27 16.48
CA PHE D 208 3.85 4.56 16.85
C PHE D 208 4.78 3.39 16.57
N TYR D 209 6.06 3.70 16.48
CA TYR D 209 7.10 2.69 16.27
C TYR D 209 8.42 3.35 16.66
N PRO D 210 9.26 2.62 17.43
CA PRO D 210 9.09 1.25 17.92
C PRO D 210 8.00 1.08 18.98
N ALA D 211 7.83 -0.14 19.48
CA ALA D 211 6.74 -0.44 20.41
C ALA D 211 6.94 0.15 21.80
N GLU D 212 8.20 0.29 22.21
CA GLU D 212 8.52 0.81 23.54
C GLU D 212 7.84 2.16 23.74
N ILE D 213 7.01 2.25 24.78
CA ILE D 213 6.32 3.48 25.10
C ILE D 213 5.93 3.52 26.56
N THR D 214 5.79 4.72 27.11
CA THR D 214 5.28 4.88 28.46
C THR D 214 4.08 5.83 28.48
N LEU D 215 2.98 5.32 29.02
CA LEU D 215 1.73 6.05 29.16
C LEU D 215 1.33 6.02 30.62
N THR D 216 1.14 7.19 31.21
CA THR D 216 0.72 7.29 32.60
C THR D 216 -0.24 8.44 32.82
N TRP D 217 -1.08 8.29 33.83
CA TRP D 217 -1.98 9.32 34.29
C TRP D 217 -1.52 9.89 35.62
N GLN D 218 -1.67 11.20 35.77
CA GLN D 218 -1.46 11.85 37.06
C GLN D 218 -2.68 12.67 37.43
N ARG D 219 -2.91 12.87 38.72
CA ARG D 219 -3.95 13.77 39.19
C ARG D 219 -3.27 14.85 40.04
N ASP D 220 -3.23 16.08 39.53
CA ASP D 220 -2.47 17.14 40.17
C ASP D 220 -1.06 16.66 40.53
N GLY D 221 -0.47 15.89 39.63
CA GLY D 221 0.91 15.46 39.77
C GLY D 221 1.09 14.15 40.51
N GLU D 222 0.02 13.70 41.17
CA GLU D 222 0.07 12.43 41.90
C GLU D 222 -0.01 11.26 40.94
N ASP D 223 0.85 10.26 41.14
CA ASP D 223 0.79 9.06 40.32
C ASP D 223 -0.51 8.29 40.54
N GLN D 224 -1.04 7.74 39.46
CA GLN D 224 -2.35 7.10 39.49
C GLN D 224 -2.22 5.65 39.08
N THR D 225 -1.04 5.10 39.31
CA THR D 225 -0.73 3.76 38.82
C THR D 225 -1.79 2.72 39.18
N GLN D 226 -2.18 2.66 40.45
CA GLN D 226 -3.16 1.68 40.91
C GLN D 226 -4.57 1.91 40.35
N ASP D 227 -4.86 3.17 40.00
CA ASP D 227 -6.19 3.52 39.51
C ASP D 227 -6.26 3.63 37.99
N THR D 228 -5.23 3.16 37.32
CA THR D 228 -5.18 3.23 35.85
C THR D 228 -5.35 1.85 35.27
N GLU D 229 -6.27 1.71 34.31
CA GLU D 229 -6.29 0.50 33.51
C GLU D 229 -5.38 0.69 32.32
N LEU D 230 -4.34 -0.13 32.25
CA LEU D 230 -3.33 0.00 31.22
C LEU D 230 -3.27 -1.28 30.37
N VAL D 231 -3.63 -1.18 29.10
CA VAL D 231 -3.56 -2.37 28.24
C VAL D 231 -2.14 -2.63 27.75
N GLU D 232 -1.86 -3.88 27.43
CA GLU D 232 -0.58 -4.23 26.83
C GLU D 232 -0.45 -3.55 25.48
N THR D 233 0.74 -3.06 25.18
CA THR D 233 1.02 -2.50 23.87
C THR D 233 0.70 -3.53 22.80
N ARG D 234 0.00 -3.10 21.76
CA ARG D 234 -0.54 -4.04 20.79
C ARG D 234 -0.21 -3.64 19.35
N PRO D 235 0.02 -4.64 18.50
CA PRO D 235 0.23 -4.42 17.07
C PRO D 235 -1.05 -3.96 16.37
N ALA D 236 -0.94 -2.89 15.59
CA ALA D 236 -2.06 -2.41 14.79
C ALA D 236 -2.26 -3.28 13.55
N GLY D 237 -1.21 -4.01 13.18
CA GLY D 237 -1.24 -4.89 12.01
C GLY D 237 -0.53 -4.31 10.80
N ASP D 238 -0.15 -3.03 10.87
CA ASP D 238 0.47 -2.36 9.73
C ASP D 238 1.94 -2.03 9.99
N GLY D 239 2.50 -2.58 11.07
CA GLY D 239 3.87 -2.30 11.42
C GLY D 239 3.99 -1.26 12.52
N THR D 240 2.85 -0.71 12.94
CA THR D 240 2.83 0.23 14.05
C THR D 240 2.19 -0.39 15.29
N PHE D 241 2.22 0.34 16.39
CA PHE D 241 1.69 -0.18 17.64
C PHE D 241 0.73 0.78 18.30
N GLN D 242 -0.02 0.25 19.26
CA GLN D 242 -1.05 0.99 19.95
C GLN D 242 -1.00 0.71 21.45
N LYS D 243 -1.53 1.66 22.22
CA LYS D 243 -1.67 1.49 23.65
C LYS D 243 -2.62 2.54 24.20
N TRP D 244 -3.38 2.18 25.22
CA TRP D 244 -4.17 3.16 25.94
C TRP D 244 -4.13 2.93 27.43
N ALA D 245 -4.41 3.99 28.17
CA ALA D 245 -4.52 3.94 29.62
C ALA D 245 -5.78 4.72 30.01
N ALA D 246 -6.57 4.17 30.91
CA ALA D 246 -7.83 4.80 31.28
C ALA D 246 -7.96 4.98 32.79
N VAL D 247 -8.63 6.05 33.19
CA VAL D 247 -8.96 6.30 34.59
C VAL D 247 -10.43 6.67 34.68
N VAL D 248 -11.07 6.25 35.77
CA VAL D 248 -12.45 6.63 36.05
C VAL D 248 -12.41 7.79 37.03
N VAL D 249 -12.91 8.94 36.59
CA VAL D 249 -12.79 10.16 37.38
C VAL D 249 -14.15 10.76 37.74
N PRO D 250 -14.27 11.28 38.97
CA PRO D 250 -15.51 11.93 39.42
C PRO D 250 -15.85 13.07 38.49
N SER D 251 -17.10 13.16 38.05
CA SER D 251 -17.52 14.20 37.11
C SER D 251 -17.25 15.59 37.66
N GLY D 252 -16.58 16.42 36.88
CA GLY D 252 -16.18 17.74 37.32
C GLY D 252 -14.70 17.85 37.62
N GLN D 253 -14.03 16.72 37.71
CA GLN D 253 -12.59 16.70 38.00
C GLN D 253 -11.80 16.25 36.78
N GLU D 254 -12.34 16.47 35.59
CA GLU D 254 -11.69 16.09 34.34
C GLU D 254 -10.48 16.98 34.07
N GLN D 255 -10.40 18.11 34.77
CA GLN D 255 -9.30 19.04 34.60
C GLN D 255 -8.21 18.81 35.65
N ARG D 256 -8.36 17.75 36.42
CA ARG D 256 -7.39 17.42 37.46
C ARG D 256 -6.51 16.24 37.06
N TYR D 257 -6.63 15.83 35.79
CA TYR D 257 -5.85 14.71 35.27
C TYR D 257 -5.02 15.09 34.06
N THR D 258 -3.77 14.62 34.05
CA THR D 258 -2.89 14.80 32.90
C THR D 258 -2.42 13.43 32.44
N CYS D 259 -2.39 13.23 31.12
CA CYS D 259 -1.80 12.02 30.56
C CYS D 259 -0.40 12.33 30.06
N HIS D 260 0.54 11.42 30.34
CA HIS D 260 1.92 11.68 30.00
C HIS D 260 2.44 10.59 29.08
N VAL D 261 3.01 11.00 27.96
CA VAL D 261 3.47 10.07 26.92
C VAL D 261 4.97 10.20 26.66
N GLN D 262 5.68 9.10 26.83
CA GLN D 262 7.10 9.05 26.51
C GLN D 262 7.37 8.05 25.38
N HIS D 263 8.13 8.51 24.39
CA HIS D 263 8.42 7.70 23.23
C HIS D 263 9.65 8.24 22.53
N GLU D 264 10.38 7.36 21.87
CA GLU D 264 11.63 7.73 21.20
C GLU D 264 11.40 8.77 20.09
N GLY D 265 10.21 8.77 19.51
CA GLY D 265 9.90 9.68 18.43
C GLY D 265 9.49 11.07 18.88
N LEU D 266 9.28 11.24 20.18
CA LEU D 266 8.89 12.54 20.72
C LEU D 266 10.12 13.30 21.21
N PRO D 267 10.34 14.50 20.67
CA PRO D 267 11.44 15.36 21.10
C PRO D 267 11.33 15.62 22.60
N LYS D 268 10.11 15.84 23.04
CA LYS D 268 9.82 16.18 24.41
C LYS D 268 8.65 15.32 24.88
N PRO D 269 8.71 14.82 26.12
CA PRO D 269 7.56 14.03 26.58
C PRO D 269 6.30 14.87 26.49
N LEU D 270 5.19 14.26 26.10
CA LEU D 270 3.93 14.96 25.97
C LEU D 270 3.12 14.93 27.25
N THR D 271 2.44 16.04 27.53
CA THR D 271 1.47 16.10 28.62
C THR D 271 0.14 16.55 28.03
N LEU D 272 -0.90 15.72 28.21
CA LEU D 272 -2.22 15.98 27.66
C LEU D 272 -3.22 16.12 28.78
N ARG D 273 -4.19 17.01 28.58
CA ARG D 273 -5.23 17.25 29.57
C ARG D 273 -6.58 17.37 28.87
N TRP D 274 -7.65 16.93 29.52
CA TRP D 274 -8.99 17.12 28.95
C TRP D 274 -9.43 18.57 29.16
N GLU D 275 -9.56 19.32 28.08
CA GLU D 275 -9.86 20.74 28.18
C GLU D 275 -10.46 21.33 26.90
N MET E 1 2.32 -28.14 35.45
CA MET E 1 3.03 -27.41 34.40
CA MET E 1 3.01 -27.42 34.37
C MET E 1 2.50 -25.98 34.24
N ILE E 2 3.36 -25.10 33.75
CA ILE E 2 3.00 -23.69 33.58
C ILE E 2 1.81 -23.51 32.66
N GLN E 3 0.90 -22.64 33.09
CA GLN E 3 -0.27 -22.25 32.31
C GLN E 3 -0.54 -20.78 32.56
N ARG E 4 -0.64 -20.00 31.50
CA ARG E 4 -0.90 -18.57 31.61
C ARG E 4 -2.12 -18.21 30.77
N THR E 5 -3.01 -17.39 31.34
CA THR E 5 -4.27 -17.07 30.71
C THR E 5 -4.10 -15.99 29.64
N PRO E 6 -4.67 -16.23 28.45
CA PRO E 6 -4.57 -15.23 27.39
C PRO E 6 -5.21 -13.92 27.79
N LYS E 7 -4.52 -12.81 27.51
CA LYS E 7 -5.15 -11.50 27.57
C LYS E 7 -5.77 -11.29 26.19
N ILE E 8 -6.95 -10.70 26.13
CA ILE E 8 -7.64 -10.53 24.86
C ILE E 8 -7.97 -9.07 24.62
N GLN E 9 -7.57 -8.55 23.47
CA GLN E 9 -8.00 -7.22 23.05
C GLN E 9 -8.67 -7.29 21.68
N VAL E 10 -9.81 -6.62 21.55
CA VAL E 10 -10.53 -6.56 20.28
C VAL E 10 -10.64 -5.10 19.87
N TYR E 11 -10.19 -4.79 18.66
CA TYR E 11 -10.03 -3.39 18.26
C TYR E 11 -9.85 -3.29 16.75
N SER E 12 -10.19 -2.13 16.20
CA SER E 12 -9.95 -1.87 14.79
C SER E 12 -8.56 -1.27 14.63
N ARG E 13 -7.91 -1.52 13.49
CA ARG E 13 -6.58 -0.96 13.24
C ARG E 13 -6.59 0.56 13.26
N HIS E 14 -7.62 1.15 12.65
CA HIS E 14 -7.82 2.59 12.65
C HIS E 14 -9.13 2.93 13.38
N PRO E 15 -9.23 4.16 13.90
CA PRO E 15 -10.51 4.55 14.48
C PRO E 15 -11.66 4.15 13.55
N ALA E 16 -12.73 3.60 14.12
CA ALA E 16 -13.81 3.07 13.30
C ALA E 16 -14.72 4.17 12.78
N GLU E 17 -15.03 4.11 11.49
CA GLU E 17 -15.96 5.03 10.87
C GLU E 17 -16.87 4.24 9.94
N ASN E 18 -18.17 4.35 10.14
CA ASN E 18 -19.13 3.60 9.35
C ASN E 18 -18.95 3.82 7.85
N GLY E 19 -18.91 2.72 7.10
CA GLY E 19 -18.78 2.79 5.65
C GLY E 19 -17.34 2.86 5.17
N LYS E 20 -16.39 2.92 6.10
CA LYS E 20 -14.98 3.04 5.72
C LYS E 20 -14.20 1.77 6.02
N SER E 21 -13.49 1.27 5.01
CA SER E 21 -12.72 0.04 5.12
CA SER E 21 -12.72 0.04 5.13
C SER E 21 -11.66 0.13 6.23
N ASN E 22 -11.41 -0.99 6.90
CA ASN E 22 -10.54 -1.02 8.07
C ASN E 22 -10.04 -2.45 8.28
N PHE E 23 -9.41 -2.69 9.43
CA PHE E 23 -9.06 -4.05 9.85
C PHE E 23 -9.57 -4.31 11.26
N LEU E 24 -10.23 -5.44 11.45
CA LEU E 24 -10.67 -5.87 12.78
C LEU E 24 -9.62 -6.80 13.37
N ASN E 25 -9.10 -6.42 14.54
CA ASN E 25 -8.04 -7.14 15.21
C ASN E 25 -8.51 -7.87 16.46
N CYS E 26 -7.96 -9.06 16.69
CA CYS E 26 -8.11 -9.71 17.98
C CYS E 26 -6.72 -10.12 18.41
N TYR E 27 -6.19 -9.42 19.41
CA TYR E 27 -4.84 -9.65 19.89
C TYR E 27 -4.89 -10.51 21.14
N VAL E 28 -4.22 -11.65 21.11
CA VAL E 28 -4.18 -12.53 22.27
C VAL E 28 -2.74 -12.73 22.72
N SER E 29 -2.44 -12.29 23.94
CA SER E 29 -1.07 -12.33 24.43
C SER E 29 -0.96 -12.89 25.85
N GLY E 30 0.25 -13.30 26.21
CA GLY E 30 0.53 -13.76 27.55
C GLY E 30 0.01 -15.15 27.90
N PHE E 31 -0.22 -15.98 26.89
CA PHE E 31 -0.76 -17.32 27.13
C PHE E 31 0.29 -18.43 27.02
N HIS E 32 0.04 -19.55 27.68
CA HIS E 32 0.91 -20.70 27.64
C HIS E 32 0.11 -21.87 28.20
N PRO E 33 0.14 -23.03 27.52
CA PRO E 33 0.89 -23.39 26.32
C PRO E 33 0.38 -22.72 25.05
N SER E 34 0.91 -23.10 23.89
CA SER E 34 0.66 -22.39 22.65
C SER E 34 -0.68 -22.72 21.97
N ASP E 35 -1.23 -23.89 22.24
CA ASP E 35 -2.50 -24.27 21.63
CA ASP E 35 -2.50 -24.27 21.63
C ASP E 35 -3.60 -23.28 22.01
N ILE E 36 -4.17 -22.62 21.01
CA ILE E 36 -5.24 -21.67 21.27
C ILE E 36 -6.22 -21.60 20.09
N GLU E 37 -7.46 -21.26 20.38
CA GLU E 37 -8.49 -21.10 19.35
C GLU E 37 -8.96 -19.66 19.36
N VAL E 38 -8.89 -19.00 18.21
CA VAL E 38 -9.37 -17.62 18.09
C VAL E 38 -10.23 -17.50 16.84
N ASP E 39 -11.45 -16.99 17.01
CA ASP E 39 -12.35 -16.75 15.89
C ASP E 39 -13.02 -15.39 16.01
N LEU E 40 -13.18 -14.71 14.88
CA LEU E 40 -13.89 -13.44 14.85
C LEU E 40 -15.33 -13.65 14.41
N LEU E 41 -16.24 -12.89 15.01
CA LEU E 41 -17.66 -13.06 14.75
C LEU E 41 -18.27 -11.73 14.31
N LYS E 42 -19.15 -11.81 13.33
CA LYS E 42 -19.92 -10.65 12.89
C LYS E 42 -21.39 -10.99 13.03
N ASN E 43 -22.11 -10.27 13.88
CA ASN E 43 -23.53 -10.51 14.07
C ASN E 43 -23.83 -11.98 14.39
N GLY E 44 -23.02 -12.56 15.27
CA GLY E 44 -23.24 -13.92 15.74
C GLY E 44 -22.82 -15.01 14.77
N GLU E 45 -22.14 -14.62 13.70
CA GLU E 45 -21.66 -15.58 12.70
C GLU E 45 -20.15 -15.47 12.50
N ARG E 46 -19.49 -16.60 12.26
CA ARG E 46 -18.05 -16.61 12.17
C ARG E 46 -17.58 -15.95 10.87
N ILE E 47 -16.58 -15.08 10.99
CA ILE E 47 -15.96 -14.47 9.82
C ILE E 47 -15.05 -15.50 9.17
N GLU E 48 -15.20 -15.72 7.87
CA GLU E 48 -14.54 -16.84 7.21
C GLU E 48 -13.09 -16.57 6.82
N LYS E 49 -12.81 -15.38 6.31
CA LYS E 49 -11.44 -15.09 5.87
C LYS E 49 -10.68 -14.32 6.94
N VAL E 50 -10.18 -15.06 7.93
CA VAL E 50 -9.41 -14.47 9.02
C VAL E 50 -7.98 -15.00 9.00
N GLU E 51 -7.02 -14.07 9.00
CA GLU E 51 -5.63 -14.45 9.01
C GLU E 51 -5.06 -14.25 10.41
N HIS E 52 -3.85 -14.75 10.62
CA HIS E 52 -3.16 -14.51 11.88
C HIS E 52 -1.65 -14.39 11.69
N SER E 53 -1.00 -13.79 12.67
CA SER E 53 0.44 -13.62 12.66
C SER E 53 1.14 -14.94 13.00
N ASP E 54 2.44 -14.96 12.78
CA ASP E 54 3.25 -16.12 13.13
C ASP E 54 3.46 -16.14 14.64
N LEU E 55 3.30 -17.32 15.23
CA LEU E 55 3.46 -17.49 16.66
C LEU E 55 4.78 -16.89 17.14
N SER E 56 4.69 -15.99 18.12
CA SER E 56 5.89 -15.44 18.75
C SER E 56 5.70 -15.34 20.26
N PHE E 57 6.70 -14.85 20.98
CA PHE E 57 6.61 -14.81 22.43
C PHE E 57 7.33 -13.64 23.09
N SER E 58 6.94 -13.35 24.33
CA SER E 58 7.46 -12.24 25.11
C SER E 58 8.62 -12.65 26.02
N LYS E 59 9.12 -11.71 26.81
CA LYS E 59 10.29 -11.97 27.64
C LYS E 59 10.02 -12.95 28.77
N ASP E 60 8.76 -13.06 29.18
CA ASP E 60 8.37 -14.05 30.17
C ASP E 60 8.03 -15.39 29.50
N TRP E 61 8.35 -15.49 28.21
CA TRP E 61 8.15 -16.71 27.41
C TRP E 61 6.71 -16.92 26.94
N SER E 62 5.78 -16.09 27.43
CA SER E 62 4.37 -16.25 27.07
C SER E 62 4.12 -15.88 25.61
N PHE E 63 3.20 -16.57 24.97
CA PHE E 63 2.96 -16.41 23.54
C PHE E 63 2.03 -15.25 23.21
N TYR E 64 2.15 -14.73 21.99
CA TYR E 64 1.19 -13.76 21.47
C TYR E 64 0.85 -14.00 20.00
N LEU E 65 -0.41 -13.72 19.64
CA LEU E 65 -0.86 -13.83 18.26
C LEU E 65 -1.83 -12.71 17.94
N LEU E 66 -1.77 -12.23 16.71
CA LEU E 66 -2.76 -11.28 16.19
C LEU E 66 -3.65 -11.97 15.15
N TYR E 67 -4.95 -11.93 15.37
CA TYR E 67 -5.90 -12.40 14.37
C TYR E 67 -6.57 -11.17 13.80
N TYR E 68 -6.76 -11.16 12.48
CA TYR E 68 -7.21 -9.94 11.81
C TYR E 68 -7.96 -10.23 10.53
N THR E 69 -8.87 -9.33 10.18
CA THR E 69 -9.62 -9.44 8.95
C THR E 69 -9.99 -8.05 8.45
N GLU E 70 -9.97 -7.85 7.14
CA GLU E 70 -10.44 -6.60 6.55
C GLU E 70 -11.90 -6.49 6.87
N PHE E 71 -12.37 -5.27 7.12
CA PHE E 71 -13.80 -5.07 7.31
C PHE E 71 -14.21 -3.62 7.15
N THR E 72 -15.50 -3.42 6.91
CA THR E 72 -16.09 -2.09 6.87
C THR E 72 -17.20 -2.08 7.90
N PRO E 73 -16.99 -1.36 9.01
CA PRO E 73 -17.99 -1.31 10.09
C PRO E 73 -19.21 -0.51 9.63
N THR E 74 -20.40 -0.93 10.05
CA THR E 74 -21.60 -0.12 9.86
C THR E 74 -22.23 0.11 11.23
N GLU E 75 -23.18 1.03 11.29
CA GLU E 75 -23.75 1.41 12.58
C GLU E 75 -24.33 0.23 13.35
N LYS E 76 -24.97 -0.69 12.66
CA LYS E 76 -25.72 -1.74 13.34
C LYS E 76 -24.94 -3.04 13.55
N ASP E 77 -23.81 -3.18 12.88
CA ASP E 77 -23.04 -4.43 12.95
C ASP E 77 -22.31 -4.60 14.28
N GLU E 78 -22.40 -5.81 14.85
CA GLU E 78 -21.73 -6.12 16.10
C GLU E 78 -20.62 -7.13 15.84
N TYR E 79 -19.47 -6.95 16.50
CA TYR E 79 -18.36 -7.87 16.32
C TYR E 79 -17.87 -8.40 17.66
N ALA E 80 -17.24 -9.56 17.63
CA ALA E 80 -16.71 -10.17 18.83
C ALA E 80 -15.59 -11.13 18.47
N CYS E 81 -14.77 -11.44 19.46
CA CYS E 81 -13.71 -12.41 19.30
C CYS E 81 -13.96 -13.55 20.27
N ARG E 82 -13.87 -14.79 19.78
CA ARG E 82 -14.00 -15.96 20.62
C ARG E 82 -12.63 -16.60 20.82
N VAL E 83 -12.28 -16.81 22.08
CA VAL E 83 -10.99 -17.44 22.41
C VAL E 83 -11.20 -18.68 23.28
N ASN E 84 -10.52 -19.76 22.94
CA ASN E 84 -10.52 -20.93 23.80
C ASN E 84 -9.09 -21.33 24.11
N HIS E 85 -8.83 -21.60 25.39
CA HIS E 85 -7.50 -21.97 25.84
C HIS E 85 -7.66 -22.81 27.10
N VAL E 86 -6.69 -23.69 27.35
CA VAL E 86 -6.78 -24.63 28.47
C VAL E 86 -7.02 -23.96 29.82
N THR E 87 -6.62 -22.70 29.95
CA THR E 87 -6.77 -21.97 31.21
C THR E 87 -8.17 -21.41 31.41
N LEU E 88 -8.97 -21.41 30.34
CA LEU E 88 -10.34 -20.92 30.41
C LEU E 88 -11.32 -22.06 30.65
N SER E 89 -12.13 -21.93 31.69
CA SER E 89 -13.13 -22.97 31.99
C SER E 89 -14.13 -23.15 30.85
N GLN E 90 -14.49 -22.04 30.20
CA GLN E 90 -15.36 -22.03 29.03
C GLN E 90 -14.74 -21.13 27.96
N PRO E 91 -15.14 -21.30 26.70
CA PRO E 91 -14.67 -20.35 25.69
C PRO E 91 -15.05 -18.94 26.11
N LYS E 92 -14.19 -17.97 25.84
CA LYS E 92 -14.46 -16.59 26.19
C LYS E 92 -14.86 -15.78 24.95
N ILE E 93 -15.95 -15.03 25.06
CA ILE E 93 -16.39 -14.16 23.99
C ILE E 93 -16.21 -12.70 24.39
N VAL E 94 -15.33 -11.99 23.69
CA VAL E 94 -15.07 -10.58 23.95
C VAL E 94 -15.67 -9.72 22.85
N LYS E 95 -16.57 -8.85 23.14
CA LYS E 95 -17.28 -7.99 22.20
C LYS E 95 -16.42 -6.80 21.81
N TRP E 96 -16.53 -6.39 20.54
CA TRP E 96 -15.77 -5.25 20.03
C TRP E 96 -16.35 -3.94 20.52
N ASP E 97 -15.61 -3.25 21.38
CA ASP E 97 -16.06 -1.97 21.93
C ASP E 97 -15.55 -0.81 21.09
N ARG E 98 -16.41 -0.26 20.24
CA ARG E 98 -16.05 0.86 19.39
C ARG E 98 -15.77 2.12 20.21
N ASP E 99 -16.83 2.88 20.48
CA ASP E 99 -16.70 4.11 21.25
C ASP E 99 -15.85 3.90 22.49
N MET E 100 -14.53 3.89 22.31
CA MET E 100 -13.60 3.70 23.42
C MET E 100 -12.66 4.88 23.56
N LYS F 1 20.34 -13.15 9.19
CA LYS F 1 20.84 -14.51 9.03
C LYS F 1 20.83 -15.25 10.36
N ILE F 2 20.28 -16.47 10.35
CA ILE F 2 20.22 -17.28 11.55
C ILE F 2 21.54 -18.00 11.82
N LEU F 3 21.65 -18.62 12.98
CA LEU F 3 22.86 -19.35 13.36
C LEU F 3 23.27 -20.34 12.28
N GLY F 4 24.56 -20.41 11.99
CA GLY F 4 25.07 -21.32 10.99
C GLY F 4 25.03 -22.78 11.45
C PRV F 5 23.72 -24.99 14.06
N PRV F 5 24.26 -23.45 12.20
O PRV F 5 22.57 -24.60 14.28
N1 PRV F 5 27.05 -23.34 14.97
O1 PRV F 5 26.47 -22.31 14.70
O2 PRV F 5 27.60 -23.45 16.05
CA PRV F 5 24.72 -24.03 13.45
CG PRV F 5 26.02 -24.75 13.27
CZ PRV F 5 28.43 -26.10 12.92
CD1 PRV F 5 26.11 -25.78 12.33
CD2 PRV F 5 27.13 -24.39 14.03
CE1 PRV F 5 27.32 -26.46 12.15
CE2 PRV F 5 28.33 -25.06 13.84
N VAL F 6 24.45 -25.66 14.94
CA VAL F 6 24.41 -27.12 15.08
C VAL F 6 23.71 -27.49 16.39
N PHE F 7 24.50 -27.93 17.39
CA PHE F 7 24.06 -28.07 18.79
C PHE F 7 24.04 -29.49 19.35
O PRQ F 8 22.93 -30.17 22.83
C PRQ F 8 21.76 -30.22 22.51
CAJ PRQ F 8 21.36 -31.04 21.32
CA PRQ F 8 22.36 -31.05 20.16
N PRQ F 8 22.80 -29.72 19.78
CAK PRQ F 8 21.68 -31.74 19.03
CAH PRQ F 8 20.29 -31.67 19.02
CAF PRQ F 8 19.55 -32.30 18.02
CAG PRQ F 8 20.21 -32.98 17.00
CAI PRQ F 8 21.60 -33.04 17.01
CAL PRQ F 8 22.34 -32.43 18.02
NAN PRQ F 8 23.73 -32.53 17.96
OAD PRQ F 8 24.40 -31.53 17.73
OAC PRQ F 8 24.29 -33.61 18.09
N VAL F 9 20.75 -29.88 23.33
CA VAL F 9 20.69 -30.18 24.77
C VAL F 9 21.00 -31.64 25.08
C1 GOL G . -9.26 8.47 -19.56
O1 GOL G . -10.46 9.12 -19.88
C2 GOL G . -9.31 7.04 -20.07
O2 GOL G . -10.64 6.60 -20.01
C3 GOL G . -8.46 6.15 -19.18
O3 GOL G . -9.22 5.02 -18.85
C1 GOL H . -5.57 2.44 -22.20
C1 GOL H . -3.57 -0.36 -25.15
O1 GOL H . -4.58 3.00 -23.03
O1 GOL H . -4.79 -0.73 -24.53
C2 GOL H . -6.70 1.90 -23.07
C2 GOL H . -2.75 0.50 -24.19
O2 GOL H . -7.49 2.99 -23.51
O2 GOL H . -2.20 -0.31 -23.18
C3 GOL H . -7.57 0.96 -22.24
C3 GOL H . -3.66 1.53 -23.54
O3 GOL H . -8.86 0.86 -22.81
O3 GOL H . -3.01 2.11 -22.42
O1 MES I . -9.05 11.97 -22.85
C2 MES I . -10.07 11.09 -22.38
C3 MES I . -10.46 10.13 -23.50
N4 MES I . -9.25 9.35 -23.73
C5 MES I . -7.99 9.80 -23.17
C6 MES I . -7.95 11.30 -23.45
C7 MES I . -9.32 8.12 -24.51
C8 MES I . -7.90 7.56 -24.54
S MES I . -7.93 5.98 -25.06
O1S MES I . -6.49 6.17 -25.35
O2S MES I . -8.94 6.42 -26.06
O3S MES I . -8.37 5.63 -23.69
O1 MES J . -20.71 1.60 25.23
C2 MES J . -20.14 2.80 24.69
C3 MES J . -18.65 2.91 24.98
N4 MES J . -18.42 2.63 26.38
C5 MES J . -19.05 1.48 27.01
C6 MES J . -19.78 0.74 25.88
C7 MES J . -17.55 3.51 27.16
C8 MES J . -16.40 2.62 27.64
S MES J . -15.34 3.47 28.62
O1S MES J . -14.91 4.12 27.35
O2S MES J . -14.78 2.15 29.01
O3S MES J . -16.50 4.02 29.37
C1 GOL K . 12.12 -15.34 32.14
O1 GOL K . 11.18 -15.41 33.20
C2 GOL K . 13.19 -14.31 32.47
O2 GOL K . 12.67 -13.02 32.26
C3 GOL K . 14.42 -14.51 31.59
O3 GOL K . 14.04 -14.88 30.28
O1 MES L . 6.03 -9.93 29.57
C2 MES L . 4.75 -9.66 28.97
C3 MES L . 4.84 -8.66 27.82
N4 MES L . 5.48 -7.46 28.33
C5 MES L . 6.16 -7.50 29.61
C6 MES L . 6.93 -8.82 29.57
C7 MES L . 5.46 -6.22 27.55
C8 MES L . 4.05 -5.65 27.58
S MES L . 4.08 -4.08 27.00
O1S MES L . 4.56 -4.68 25.72
O2S MES L . 5.03 -3.79 28.11
O3S MES L . 2.61 -4.03 27.25
C1 GOL M . 12.61 -12.29 25.42
C1 GOL M . 16.11 -9.94 25.84
O1 GOL M . 12.21 -11.77 24.17
O1 GOL M . 17.33 -9.27 25.61
C2 GOL M . 12.79 -13.80 25.31
C2 GOL M . 15.18 -9.76 24.65
O2 GOL M . 11.86 -14.30 24.39
O2 GOL M . 15.18 -8.42 24.25
C3 GOL M . 12.59 -14.46 26.67
C3 GOL M . 13.75 -10.15 25.04
O3 GOL M . 13.80 -14.46 27.39
O3 GOL M . 13.27 -11.15 24.18
C1 GOL N . 8.74 -7.92 18.32
O1 GOL N . 7.89 -6.82 18.55
C2 GOL N . 9.75 -8.06 19.45
O2 GOL N . 10.56 -6.91 19.50
C3 GOL N . 10.67 -9.23 19.17
O3 GOL N . 11.99 -8.77 19.30
O1 MES O . 4.11 -6.60 20.70
C2 MES O . 5.30 -5.83 20.53
C3 MES O . 6.02 -5.65 21.85
N4 MES O . 6.26 -6.98 22.41
C5 MES O . 5.22 -8.00 22.41
C6 MES O . 4.41 -7.93 21.12
C7 MES O . 7.56 -7.26 23.02
C8 MES O . 7.32 -7.86 24.41
S MES O . 8.78 -8.18 25.19
O1S MES O . 7.99 -9.12 26.02
O2S MES O . 8.82 -6.75 25.60
O3S MES O . 9.27 -8.58 23.84
#